data_8QV7
#
_entry.id   8QV7
#
_cell.length_a   181.285
_cell.length_b   90.756
_cell.length_c   132.774
_cell.angle_alpha   90
_cell.angle_beta   120.75
_cell.angle_gamma   90
#
_symmetry.space_group_name_H-M   'C 1 2 1'
#
loop_
_entity.id
_entity.type
_entity.pdbx_description
1 polymer 'Tryptophan 2,3-dioxygenase'
2 non-polymer alpha-methyl-L-tryptophan
3 non-polymer GLYCEROL
4 water water
#
_entity_poly.entity_id   1
_entity_poly.type   'polypeptide(L)'
_entity_poly.pdbx_seq_one_letter_code
;GLIYGNYLHLEKVLNAQELQSETKGNKIHDEHLFIITHQAYELWFKQILWELDSVREIFQNGHVRDERNMLKVVSRMHRV
SVILKLLVQQFSILETMTALDFNDFREYLSPASGFQSLQFRLLENKIGVLQNMRVPYNRRHYRDNFKGEENELLLKSEQE
KTLLELVEAWLERTPGLEPHGFNFWGKLEKNITRGLEEEFIRIQAKEESEEKEEQVAEFQKQKEVLLSLFDEKRHEHLLS
KGERRLSYRALQGALMIYFYREEPRFQVPFQLLTSLMDIDSLMTKWRYNHVCMVHRMLGSKAGTGGSSGYHYLRSTVSDR
YKVFVDLFNLSTYLIPRHWIPKMNPTIHKFLEHHH
;
_entity_poly.pdbx_strand_id   A,B,C,D
#
# COMPACT_ATOMS: atom_id res chain seq x y z
N LEU A 2 16.68 25.83 -14.95
CA LEU A 2 17.40 24.61 -15.32
C LEU A 2 16.42 23.55 -15.83
N ILE A 3 16.78 22.90 -16.94
CA ILE A 3 16.01 21.85 -17.60
C ILE A 3 15.83 20.65 -16.68
N TYR A 4 14.62 20.05 -16.66
CA TYR A 4 14.26 18.89 -15.83
C TYR A 4 15.32 17.75 -15.83
N GLY A 5 15.72 17.29 -17.02
CA GLY A 5 16.70 16.22 -17.15
C GLY A 5 18.11 16.62 -16.79
N ASN A 6 18.41 17.91 -16.87
CA ASN A 6 19.73 18.42 -16.55
C ASN A 6 19.89 18.65 -15.06
N TYR A 7 18.80 19.10 -14.40
CA TYR A 7 18.74 19.31 -12.95
C TYR A 7 18.84 17.95 -12.23
N LEU A 8 18.13 16.94 -12.76
CA LEU A 8 18.11 15.58 -12.25
C LEU A 8 19.28 14.72 -12.73
N HIS A 9 20.12 15.24 -13.63
CA HIS A 9 21.28 14.52 -14.16
C HIS A 9 20.89 13.17 -14.73
N LEU A 10 19.82 13.17 -15.51
CA LEU A 10 19.29 11.96 -16.14
C LEU A 10 20.27 11.35 -17.15
N GLU A 11 21.26 12.12 -17.61
CA GLU A 11 22.30 11.59 -18.51
C GLU A 11 23.18 10.51 -17.83
N LYS A 12 23.12 10.40 -16.50
CA LYS A 12 23.86 9.40 -15.76
C LYS A 12 22.86 8.30 -15.34
N VAL A 13 21.75 8.69 -14.70
CA VAL A 13 20.71 7.79 -14.20
C VAL A 13 20.04 6.95 -15.30
N LEU A 14 19.63 7.60 -16.39
CA LEU A 14 18.97 6.92 -17.49
C LEU A 14 19.92 6.38 -18.59
N ASN A 15 21.22 6.24 -18.25
CA ASN A 15 22.25 5.69 -19.13
C ASN A 15 23.20 4.75 -18.37
N ALA A 16 22.70 4.10 -17.30
CA ALA A 16 23.46 3.18 -16.45
C ALA A 16 22.88 1.76 -16.45
N GLN A 17 22.21 1.36 -17.54
CA GLN A 17 21.58 0.05 -17.63
C GLN A 17 22.27 -0.84 -18.67
N GLU A 18 23.32 -1.57 -18.25
CA GLU A 18 24.04 -2.48 -19.15
C GLU A 18 23.58 -3.88 -18.86
N LEU A 19 22.74 -4.43 -19.76
CA LEU A 19 22.21 -5.78 -19.61
C LEU A 19 23.35 -6.72 -19.90
N GLN A 20 23.80 -7.46 -18.88
CA GLN A 20 24.90 -8.42 -18.99
C GLN A 20 24.60 -9.59 -19.91
N SER A 21 23.31 -9.93 -20.10
CA SER A 21 22.90 -10.99 -21.00
C SER A 21 23.13 -10.53 -22.43
N GLU A 22 22.69 -9.31 -22.74
CA GLU A 22 22.86 -8.69 -24.05
C GLU A 22 24.35 -8.52 -24.38
N THR A 23 25.16 -8.15 -23.37
CA THR A 23 26.61 -7.94 -23.49
C THR A 23 27.34 -9.27 -23.76
N LYS A 24 26.99 -10.33 -23.03
CA LYS A 24 27.66 -11.62 -23.20
C LYS A 24 26.96 -12.59 -24.16
N GLY A 25 26.04 -12.09 -24.99
CA GLY A 25 25.33 -12.96 -25.93
C GLY A 25 23.90 -12.56 -26.22
N ASN A 26 22.93 -13.42 -25.82
CA ASN A 26 21.53 -13.12 -26.09
C ASN A 26 20.86 -12.28 -25.00
N LYS A 27 20.18 -11.22 -25.43
CA LYS A 27 19.46 -10.33 -24.53
C LYS A 27 18.26 -11.06 -23.91
N ILE A 28 18.10 -10.95 -22.59
CA ILE A 28 16.98 -11.54 -21.85
C ILE A 28 16.17 -10.37 -21.31
N HIS A 29 14.97 -10.17 -21.86
CA HIS A 29 14.09 -9.05 -21.52
C HIS A 29 13.94 -8.77 -20.02
N ASP A 30 13.62 -9.81 -19.20
CA ASP A 30 13.38 -9.64 -17.77
C ASP A 30 14.58 -9.09 -16.98
N GLU A 31 15.82 -9.22 -17.49
CA GLU A 31 16.99 -8.70 -16.80
C GLU A 31 16.97 -7.17 -16.57
N HIS A 32 16.22 -6.43 -17.39
CA HIS A 32 16.10 -4.98 -17.21
C HIS A 32 15.36 -4.66 -15.91
N LEU A 33 14.34 -5.46 -15.55
CA LEU A 33 13.59 -5.27 -14.32
C LEU A 33 14.46 -5.49 -13.10
N PHE A 34 15.36 -6.47 -13.18
CA PHE A 34 16.29 -6.79 -12.12
C PHE A 34 17.24 -5.60 -11.91
N ILE A 35 17.77 -5.02 -13.00
CA ILE A 35 18.66 -3.88 -12.90
C ILE A 35 17.96 -2.67 -12.29
N ILE A 36 16.80 -2.25 -12.87
CA ILE A 36 16.06 -1.07 -12.39
C ILE A 36 15.58 -1.26 -10.95
N THR A 37 15.00 -2.41 -10.56
CA THR A 37 14.55 -2.60 -9.17
C THR A 37 15.65 -2.36 -8.15
N HIS A 38 16.86 -2.88 -8.41
CA HIS A 38 17.99 -2.68 -7.50
C HIS A 38 18.54 -1.27 -7.55
N GLN A 39 18.54 -0.64 -8.74
CA GLN A 39 18.99 0.75 -8.85
C GLN A 39 18.05 1.66 -8.08
N ALA A 40 16.73 1.39 -8.14
CA ALA A 40 15.69 2.12 -7.41
C ALA A 40 15.85 1.91 -5.91
N TYR A 41 16.21 0.69 -5.45
CA TYR A 41 16.46 0.43 -4.04
C TYR A 41 17.65 1.25 -3.59
N GLU A 42 18.73 1.28 -4.40
CA GLU A 42 19.94 2.05 -4.08
C GLU A 42 19.69 3.56 -4.03
N LEU A 43 18.76 4.09 -4.86
CA LEU A 43 18.42 5.52 -4.78
C LEU A 43 17.78 5.82 -3.40
N TRP A 44 16.87 4.95 -2.95
CA TRP A 44 16.21 5.13 -1.67
C TRP A 44 17.11 4.89 -0.50
N PHE A 45 18.13 4.01 -0.65
CA PHE A 45 19.11 3.80 0.42
C PHE A 45 19.94 5.08 0.59
N LYS A 46 20.26 5.78 -0.51
CA LYS A 46 21.01 7.04 -0.45
C LYS A 46 20.19 8.09 0.29
N GLN A 47 18.86 8.13 0.05
CA GLN A 47 17.97 9.08 0.73
C GLN A 47 17.83 8.73 2.19
N ILE A 48 17.70 7.43 2.52
CA ILE A 48 17.63 7.00 3.92
C ILE A 48 18.93 7.37 4.65
N LEU A 49 20.09 7.19 3.98
CA LEU A 49 21.37 7.56 4.57
C LEU A 49 21.49 9.08 4.73
N TRP A 50 20.92 9.86 3.78
CA TRP A 50 20.94 11.33 3.84
C TRP A 50 20.17 11.79 5.09
N GLU A 51 19.01 11.16 5.38
CA GLU A 51 18.21 11.54 6.53
C GLU A 51 18.85 11.08 7.82
N LEU A 52 19.30 9.80 7.87
CA LEU A 52 19.95 9.20 9.03
C LEU A 52 21.21 9.94 9.44
N ASP A 53 22.05 10.30 8.46
CA ASP A 53 23.29 11.00 8.77
C ASP A 53 23.04 12.40 9.27
N SER A 54 22.00 13.07 8.76
CA SER A 54 21.66 14.42 9.19
C SER A 54 21.17 14.42 10.63
N VAL A 55 20.34 13.41 10.98
CA VAL A 55 19.82 13.25 12.33
C VAL A 55 20.98 12.88 13.28
N ARG A 56 21.85 11.96 12.85
CA ARG A 56 23.03 11.56 13.63
C ARG A 56 23.90 12.79 13.94
N GLU A 57 24.07 13.70 12.95
CA GLU A 57 24.86 14.92 13.12
C GLU A 57 24.27 15.81 14.19
N ILE A 58 22.94 16.07 14.14
CA ILE A 58 22.23 16.89 15.15
C ILE A 58 22.52 16.38 16.57
N PHE A 59 22.61 15.06 16.73
CA PHE A 59 22.90 14.45 18.01
C PHE A 59 24.39 14.65 18.41
N GLN A 60 25.33 14.21 17.55
CA GLN A 60 26.77 14.29 17.79
C GLN A 60 27.29 15.71 18.00
N ASN A 61 26.76 16.70 17.25
CA ASN A 61 27.20 18.07 17.39
C ASN A 61 26.43 18.87 18.46
N GLY A 62 25.79 18.15 19.39
CA GLY A 62 25.06 18.73 20.52
C GLY A 62 23.88 19.64 20.22
N HIS A 63 23.39 19.62 18.98
CA HIS A 63 22.24 20.45 18.60
C HIS A 63 20.93 19.95 19.19
N VAL A 64 20.86 18.65 19.54
CA VAL A 64 19.71 18.03 20.19
C VAL A 64 19.41 18.66 21.57
N ARG A 65 20.42 19.29 22.20
CA ARG A 65 20.26 19.97 23.49
C ARG A 65 19.30 21.14 23.31
N ASP A 66 19.42 21.88 22.18
CA ASP A 66 18.46 22.92 21.85
C ASP A 66 17.24 22.15 21.35
N GLU A 67 16.19 22.11 22.15
CA GLU A 67 14.99 21.34 21.87
C GLU A 67 14.13 21.89 20.71
N ARG A 68 14.46 23.08 20.18
CA ARG A 68 13.79 23.63 19.00
C ARG A 68 13.97 22.69 17.77
N ASN A 69 14.99 21.80 17.81
CA ASN A 69 15.32 20.84 16.77
C ASN A 69 14.62 19.51 16.89
N MET A 70 13.83 19.29 17.95
CA MET A 70 13.13 18.01 18.15
C MET A 70 12.10 17.70 17.07
N LEU A 71 11.51 18.75 16.49
CA LEU A 71 10.54 18.59 15.41
C LEU A 71 11.28 18.10 14.15
N LYS A 72 12.43 18.72 13.86
CA LYS A 72 13.28 18.37 12.74
C LYS A 72 13.73 16.89 12.83
N VAL A 73 14.26 16.46 14.01
CA VAL A 73 14.70 15.08 14.25
C VAL A 73 13.55 14.09 14.06
N VAL A 74 12.41 14.32 14.71
CA VAL A 74 11.24 13.46 14.60
C VAL A 74 10.72 13.38 13.17
N SER A 75 10.60 14.53 12.50
CA SER A 75 10.11 14.60 11.13
C SER A 75 10.95 13.75 10.18
N ARG A 76 12.28 13.85 10.30
CA ARG A 76 13.20 13.11 9.47
C ARG A 76 13.22 11.62 9.80
N MET A 77 13.03 11.27 11.08
CA MET A 77 12.96 9.85 11.47
C MET A 77 11.68 9.22 10.93
N HIS A 78 10.58 9.99 10.90
CA HIS A 78 9.33 9.50 10.35
C HIS A 78 9.46 9.30 8.85
N ARG A 79 10.14 10.22 8.16
CA ARG A 79 10.40 10.13 6.73
C ARG A 79 11.16 8.84 6.41
N VAL A 80 12.16 8.48 7.23
CA VAL A 80 12.91 7.21 7.05
C VAL A 80 11.95 6.01 7.08
N SER A 81 10.97 6.01 8.02
CA SER A 81 10.00 4.92 8.10
C SER A 81 9.04 4.91 6.89
N VAL A 82 8.66 6.10 6.37
CA VAL A 82 7.78 6.20 5.21
C VAL A 82 8.49 5.62 3.97
N ILE A 83 9.78 5.99 3.77
CA ILE A 83 10.59 5.46 2.65
C ILE A 83 10.74 3.96 2.84
N LEU A 84 11.05 3.51 4.05
CA LEU A 84 11.15 2.09 4.33
C LEU A 84 9.85 1.33 4.04
N LYS A 85 8.68 1.95 4.28
CA LYS A 85 7.39 1.31 3.97
C LYS A 85 7.26 1.07 2.47
N LEU A 86 7.73 2.03 1.64
CA LEU A 86 7.69 1.90 0.18
C LEU A 86 8.68 0.86 -0.34
N LEU A 87 9.83 0.67 0.33
CA LEU A 87 10.80 -0.34 -0.11
C LEU A 87 10.28 -1.75 0.12
N VAL A 88 9.47 -1.95 1.16
CA VAL A 88 8.84 -3.25 1.40
C VAL A 88 7.78 -3.51 0.29
N GLN A 89 7.06 -2.45 -0.14
CA GLN A 89 6.07 -2.50 -1.22
C GLN A 89 6.75 -2.75 -2.56
N GLN A 90 7.96 -2.21 -2.77
CA GLN A 90 8.71 -2.36 -4.02
C GLN A 90 9.01 -3.83 -4.38
N PHE A 91 8.90 -4.76 -3.42
CA PHE A 91 9.08 -6.19 -3.67
C PHE A 91 7.97 -6.79 -4.53
N SER A 92 6.81 -6.09 -4.64
CA SER A 92 5.71 -6.54 -5.48
C SER A 92 6.07 -6.53 -6.97
N ILE A 93 7.03 -5.68 -7.37
CA ILE A 93 7.51 -5.54 -8.74
C ILE A 93 8.40 -6.72 -9.12
N LEU A 94 9.26 -7.21 -8.20
CA LEU A 94 10.07 -8.41 -8.42
C LEU A 94 9.21 -9.66 -8.50
N GLU A 95 8.05 -9.67 -7.81
CA GLU A 95 7.08 -10.75 -7.84
C GLU A 95 6.54 -10.99 -9.26
N THR A 96 6.49 -9.93 -10.10
CA THR A 96 6.03 -10.05 -11.49
C THR A 96 7.02 -10.87 -12.36
N MET A 97 8.24 -11.11 -11.88
CA MET A 97 9.23 -11.90 -12.61
C MET A 97 9.20 -13.32 -12.05
N THR A 98 8.85 -14.31 -12.88
CA THR A 98 8.81 -15.71 -12.42
C THR A 98 10.22 -16.24 -12.17
N ALA A 99 10.36 -17.26 -11.32
CA ALA A 99 11.66 -17.88 -11.07
C ALA A 99 12.23 -18.55 -12.32
N LEU A 100 11.35 -19.01 -13.22
CA LEU A 100 11.73 -19.65 -14.46
C LEU A 100 12.38 -18.65 -15.40
N ASP A 101 11.86 -17.42 -15.47
CA ASP A 101 12.43 -16.40 -16.34
C ASP A 101 13.74 -15.85 -15.79
N PHE A 102 13.88 -15.82 -14.47
CA PHE A 102 15.09 -15.36 -13.80
C PHE A 102 16.27 -16.27 -14.18
N ASN A 103 16.02 -17.59 -14.28
CA ASN A 103 17.03 -18.58 -14.63
C ASN A 103 17.64 -18.34 -16.03
N ASP A 104 16.91 -17.66 -16.92
CA ASP A 104 17.38 -17.35 -18.27
C ASP A 104 18.54 -16.34 -18.27
N PHE A 105 18.60 -15.43 -17.29
CA PHE A 105 19.71 -14.49 -17.19
C PHE A 105 20.63 -14.76 -15.98
N ARG A 106 20.35 -15.79 -15.17
CA ARG A 106 21.11 -16.15 -13.98
C ARG A 106 22.56 -16.53 -14.33
N GLU A 107 22.78 -17.13 -15.51
CA GLU A 107 24.11 -17.54 -15.97
C GLU A 107 25.07 -16.37 -16.18
N TYR A 108 24.53 -15.19 -16.54
CA TYR A 108 25.31 -13.97 -16.78
C TYR A 108 25.49 -13.12 -15.51
N LEU A 109 25.28 -13.70 -14.30
CA LEU A 109 25.39 -12.95 -13.05
C LEU A 109 26.46 -13.48 -12.06
N SER A 110 26.84 -12.62 -11.08
CA SER A 110 27.79 -12.89 -10.00
C SER A 110 27.16 -13.82 -8.95
N PRO A 111 27.97 -14.54 -8.13
CA PRO A 111 27.38 -15.41 -7.09
C PRO A 111 26.75 -14.59 -5.94
N ALA A 112 26.16 -15.29 -4.94
CA ALA A 112 25.55 -14.62 -3.77
C ALA A 112 26.55 -13.66 -3.07
N SER A 113 27.87 -13.99 -3.15
CA SER A 113 28.97 -13.22 -2.57
C SER A 113 29.18 -11.90 -3.32
N GLY A 114 29.22 -11.97 -4.65
CA GLY A 114 29.40 -10.79 -5.50
C GLY A 114 28.26 -9.79 -5.40
N PHE A 115 27.06 -10.29 -5.09
CA PHE A 115 25.85 -9.49 -4.96
C PHE A 115 25.52 -9.11 -3.51
N GLN A 116 26.08 -7.99 -3.04
CA GLN A 116 25.85 -7.50 -1.68
C GLN A 116 25.88 -5.96 -1.68
N SER A 117 24.84 -5.31 -1.11
CA SER A 117 24.73 -3.85 -1.07
C SER A 117 25.64 -3.18 -0.07
N LEU A 118 26.40 -2.18 -0.53
CA LEU A 118 27.28 -1.42 0.37
C LEU A 118 26.44 -0.44 1.17
N GLN A 119 25.51 0.26 0.52
CA GLN A 119 24.65 1.22 1.18
C GLN A 119 23.77 0.62 2.26
N PHE A 120 23.22 -0.58 2.05
CA PHE A 120 22.42 -1.21 3.11
C PHE A 120 23.31 -1.59 4.29
N ARG A 121 24.55 -2.01 4.03
CA ARG A 121 25.51 -2.36 5.07
C ARG A 121 25.89 -1.11 5.85
N LEU A 122 26.09 0.03 5.15
CA LEU A 122 26.42 1.31 5.76
C LEU A 122 25.29 1.75 6.68
N LEU A 123 24.04 1.62 6.21
CA LEU A 123 22.81 1.96 6.92
C LEU A 123 22.65 1.11 8.18
N GLU A 124 22.87 -0.22 8.08
CA GLU A 124 22.77 -1.11 9.24
C GLU A 124 23.80 -0.71 10.31
N ASN A 125 25.02 -0.38 9.89
CA ASN A 125 26.08 0.03 10.79
C ASN A 125 25.78 1.38 11.45
N LYS A 126 25.24 2.33 10.67
CA LYS A 126 24.89 3.67 11.16
C LYS A 126 23.70 3.68 12.12
N ILE A 127 22.76 2.73 11.98
CA ILE A 127 21.67 2.59 12.92
C ILE A 127 22.22 1.93 14.21
N GLY A 128 23.09 0.94 14.06
CA GLY A 128 23.74 0.30 15.19
C GLY A 128 23.51 -1.20 15.26
N VAL A 129 23.47 -1.88 14.12
CA VAL A 129 23.30 -3.33 14.10
C VAL A 129 24.65 -3.98 14.44
N LEU A 130 24.73 -4.72 15.57
CA LEU A 130 25.92 -5.39 16.08
C LEU A 130 26.88 -5.92 15.00
N GLU A 149 38.21 2.44 -1.63
CA GLU A 149 37.40 3.56 -1.16
C GLU A 149 36.12 3.06 -0.46
N GLU A 150 35.53 1.95 -0.95
CA GLU A 150 34.34 1.33 -0.34
C GLU A 150 34.69 0.74 1.02
N ASN A 151 35.90 0.16 1.13
CA ASN A 151 36.40 -0.43 2.37
C ASN A 151 36.70 0.66 3.41
N GLU A 152 37.13 1.85 2.97
CA GLU A 152 37.41 2.98 3.85
C GLU A 152 36.09 3.56 4.36
N LEU A 153 35.08 3.68 3.48
CA LEU A 153 33.77 4.19 3.85
C LEU A 153 33.01 3.23 4.78
N LEU A 154 33.25 1.93 4.62
CA LEU A 154 32.65 0.92 5.49
C LEU A 154 33.30 0.97 6.88
N LEU A 155 34.63 1.23 6.93
CA LEU A 155 35.38 1.35 8.17
C LEU A 155 34.87 2.56 8.98
N LYS A 156 34.58 3.67 8.29
CA LYS A 156 34.04 4.88 8.92
C LYS A 156 32.67 4.62 9.56
N SER A 157 31.82 3.79 8.91
CA SER A 157 30.48 3.45 9.41
C SER A 157 30.55 2.71 10.75
N GLU A 158 31.52 1.78 10.84
CA GLU A 158 31.76 0.96 12.01
C GLU A 158 32.44 1.76 13.13
N GLN A 159 33.36 2.65 12.75
CA GLN A 159 34.08 3.46 13.73
C GLN A 159 33.20 4.53 14.37
N GLU A 160 32.60 5.43 13.56
CA GLU A 160 31.77 6.52 14.06
C GLU A 160 30.60 6.08 14.96
N LYS A 161 30.15 7.00 15.83
CA LYS A 161 29.06 6.77 16.76
C LYS A 161 27.77 6.43 16.01
N THR A 162 27.16 5.30 16.36
CA THR A 162 25.92 4.83 15.77
C THR A 162 24.75 5.67 16.29
N LEU A 163 23.58 5.58 15.65
CA LEU A 163 22.38 6.29 16.09
C LEU A 163 21.97 5.80 17.48
N LEU A 164 22.16 4.50 17.77
CA LEU A 164 21.88 3.95 19.10
C LEU A 164 22.75 4.62 20.18
N GLU A 165 24.06 4.79 19.93
CA GLU A 165 25.00 5.38 20.90
C GLU A 165 24.64 6.83 21.22
N LEU A 166 24.24 7.60 20.20
CA LEU A 166 23.87 9.01 20.28
C LEU A 166 22.54 9.18 21.05
N VAL A 167 21.57 8.30 20.75
CA VAL A 167 20.26 8.27 21.43
C VAL A 167 20.46 7.85 22.88
N GLU A 168 21.38 6.89 23.15
CA GLU A 168 21.69 6.38 24.48
C GLU A 168 22.22 7.50 25.38
N ALA A 169 23.17 8.29 24.86
CA ALA A 169 23.75 9.41 25.61
C ALA A 169 22.69 10.45 25.95
N TRP A 170 21.78 10.70 25.00
CA TRP A 170 20.70 11.67 25.12
C TRP A 170 19.66 11.21 26.14
N LEU A 171 19.38 9.90 26.16
CA LEU A 171 18.42 9.33 27.11
C LEU A 171 18.92 9.41 28.57
N GLU A 172 20.26 9.43 28.76
CA GLU A 172 20.88 9.54 30.08
C GLU A 172 20.67 10.94 30.72
N ARG A 173 20.48 11.98 29.88
CA ARG A 173 20.23 13.36 30.31
C ARG A 173 18.73 13.68 30.53
N THR A 174 17.85 12.67 30.44
CA THR A 174 16.40 12.88 30.63
C THR A 174 16.06 13.53 31.99
N PRO A 175 15.31 14.63 31.96
CA PRO A 175 14.91 15.26 33.22
C PRO A 175 14.03 14.35 34.08
N GLY A 176 14.12 14.49 35.40
CA GLY A 176 13.32 13.70 36.33
C GLY A 176 14.03 12.48 36.89
N LEU A 177 15.16 12.11 36.29
CA LEU A 177 15.91 10.94 36.70
C LEU A 177 16.63 11.14 38.04
N GLU A 178 17.23 12.34 38.22
CA GLU A 178 18.03 12.76 39.37
C GLU A 178 17.40 12.41 40.72
N PRO A 179 18.14 11.65 41.56
CA PRO A 179 17.59 11.25 42.88
C PRO A 179 17.34 12.41 43.82
N HIS A 180 18.17 13.47 43.73
CA HIS A 180 18.00 14.67 44.55
C HIS A 180 16.77 15.50 44.09
N GLY A 181 16.42 15.41 42.80
CA GLY A 181 15.29 16.10 42.23
C GLY A 181 14.01 15.29 42.29
N PHE A 182 13.49 14.89 41.12
CA PHE A 182 12.25 14.12 41.04
C PHE A 182 12.37 12.68 41.57
N ASN A 183 13.55 12.06 41.40
CA ASN A 183 13.84 10.67 41.81
C ASN A 183 12.79 9.70 41.30
N PHE A 184 12.70 9.58 39.96
CA PHE A 184 11.73 8.72 39.30
C PHE A 184 11.91 7.27 39.70
N TRP A 185 13.13 6.75 39.63
CA TRP A 185 13.42 5.34 39.94
C TRP A 185 13.12 4.95 41.38
N GLY A 186 13.36 5.85 42.31
CA GLY A 186 13.08 5.59 43.72
C GLY A 186 11.60 5.55 44.01
N LYS A 187 10.84 6.53 43.46
CA LYS A 187 9.40 6.60 43.59
C LYS A 187 8.77 5.36 42.93
N LEU A 188 9.18 5.04 41.69
CA LEU A 188 8.68 3.92 40.90
C LEU A 188 8.85 2.59 41.63
N GLU A 189 10.05 2.35 42.21
CA GLU A 189 10.31 1.12 42.95
C GLU A 189 9.43 1.03 44.18
N LYS A 190 9.27 2.14 44.89
CA LYS A 190 8.42 2.17 46.08
C LYS A 190 6.96 1.85 45.72
N ASN A 191 6.43 2.50 44.68
CA ASN A 191 5.06 2.32 44.20
C ASN A 191 4.77 0.91 43.70
N ILE A 192 5.73 0.31 42.99
CA ILE A 192 5.59 -1.04 42.48
C ILE A 192 5.58 -2.02 43.63
N THR A 193 6.52 -1.85 44.57
CA THR A 193 6.65 -2.72 45.73
C THR A 193 5.38 -2.74 46.56
N ARG A 194 4.84 -1.57 46.88
CA ARG A 194 3.62 -1.42 47.66
C ARG A 194 2.39 -1.93 46.92
N GLY A 195 2.36 -1.73 45.60
CA GLY A 195 1.25 -2.20 44.78
C GLY A 195 1.19 -3.71 44.66
N LEU A 196 2.36 -4.35 44.51
CA LEU A 196 2.47 -5.80 44.44
C LEU A 196 2.13 -6.45 45.80
N GLU A 197 2.38 -5.73 46.92
CA GLU A 197 2.05 -6.21 48.26
C GLU A 197 0.52 -6.32 48.38
N GLU A 198 -0.22 -5.24 48.05
CA GLU A 198 -1.68 -5.25 48.14
C GLU A 198 -2.34 -6.18 47.11
N GLU A 199 -1.66 -6.40 45.97
CA GLU A 199 -2.16 -7.33 44.97
C GLU A 199 -2.00 -8.76 45.50
N PHE A 200 -0.87 -9.05 46.16
CA PHE A 200 -0.61 -10.37 46.76
C PHE A 200 -1.64 -10.66 47.84
N ILE A 201 -1.95 -9.64 48.66
CA ILE A 201 -2.93 -9.78 49.74
C ILE A 201 -4.29 -10.11 49.16
N ARG A 202 -4.72 -9.37 48.10
CA ARG A 202 -5.99 -9.58 47.42
C ARG A 202 -6.11 -11.03 46.93
N ILE A 203 -5.02 -11.57 46.37
CA ILE A 203 -4.98 -12.93 45.87
C ILE A 203 -5.17 -13.93 47.01
N GLN A 204 -4.55 -13.68 48.16
CA GLN A 204 -4.70 -14.57 49.30
C GLN A 204 -6.05 -14.46 49.99
N ALA A 205 -6.79 -13.35 49.77
CA ALA A 205 -8.14 -13.17 50.31
C ALA A 205 -9.18 -14.03 49.57
N LYS A 206 -8.90 -14.42 48.31
CA LYS A 206 -9.77 -15.27 47.51
C LYS A 206 -9.90 -16.65 48.16
N GLU A 207 -11.13 -17.19 48.18
CA GLU A 207 -11.37 -18.52 48.75
C GLU A 207 -10.81 -19.59 47.81
N GLU A 208 -10.34 -20.71 48.38
CA GLU A 208 -9.73 -21.85 47.68
C GLU A 208 -10.42 -22.20 46.38
N SER A 209 -9.76 -21.87 45.27
CA SER A 209 -10.32 -22.06 43.94
C SER A 209 -9.30 -22.63 42.94
N GLU A 210 -9.77 -22.93 41.72
CA GLU A 210 -8.88 -23.36 40.64
C GLU A 210 -8.23 -22.05 40.11
N GLU A 211 -9.04 -21.00 39.88
CA GLU A 211 -8.59 -19.69 39.43
C GLU A 211 -7.67 -19.01 40.48
N LYS A 212 -7.87 -19.33 41.77
CA LYS A 212 -7.03 -18.76 42.83
C LYS A 212 -5.63 -19.37 42.76
N GLU A 213 -5.51 -20.69 42.48
CA GLU A 213 -4.21 -21.37 42.34
C GLU A 213 -3.47 -20.91 41.07
N GLU A 214 -4.23 -20.57 40.01
CA GLU A 214 -3.69 -20.05 38.76
C GLU A 214 -3.24 -18.58 38.96
N GLN A 215 -3.95 -17.84 39.82
CA GLN A 215 -3.63 -16.44 40.10
C GLN A 215 -2.39 -16.35 40.96
N VAL A 216 -2.20 -17.28 41.93
CA VAL A 216 -0.97 -17.28 42.75
C VAL A 216 0.26 -17.60 41.91
N ALA A 217 0.12 -18.50 40.92
CA ALA A 217 1.21 -18.88 40.03
C ALA A 217 1.56 -17.73 39.08
N GLU A 218 0.53 -17.09 38.49
CA GLU A 218 0.71 -15.95 37.58
C GLU A 218 1.23 -14.70 38.32
N PHE A 219 0.97 -14.59 39.64
CA PHE A 219 1.46 -13.47 40.41
C PHE A 219 2.96 -13.62 40.62
N GLN A 220 3.43 -14.80 41.07
CA GLN A 220 4.85 -15.04 41.30
C GLN A 220 5.68 -14.79 40.04
N LYS A 221 5.09 -15.01 38.84
CA LYS A 221 5.74 -14.77 37.56
C LYS A 221 5.72 -13.28 37.20
N GLN A 222 4.60 -12.59 37.46
CA GLN A 222 4.43 -11.16 37.19
C GLN A 222 5.35 -10.32 38.08
N LYS A 223 5.45 -10.69 39.38
CA LYS A 223 6.27 -10.02 40.39
C LYS A 223 7.76 -10.12 40.03
N GLU A 224 8.20 -11.29 39.54
CA GLU A 224 9.59 -11.51 39.16
C GLU A 224 9.98 -10.61 37.99
N VAL A 225 9.05 -10.39 37.04
CA VAL A 225 9.28 -9.53 35.88
C VAL A 225 9.42 -8.07 36.28
N LEU A 226 8.42 -7.52 37.02
CA LEU A 226 8.44 -6.11 37.43
C LEU A 226 9.62 -5.78 38.34
N LEU A 227 9.93 -6.64 39.31
CA LEU A 227 11.02 -6.38 40.23
C LEU A 227 12.39 -6.50 39.58
N SER A 228 12.52 -7.32 38.53
CA SER A 228 13.78 -7.48 37.80
C SER A 228 14.24 -6.17 37.16
N LEU A 229 13.31 -5.23 36.90
CA LEU A 229 13.58 -3.92 36.33
C LEU A 229 14.53 -3.11 37.23
N PHE A 230 14.48 -3.35 38.55
CA PHE A 230 15.33 -2.60 39.49
C PHE A 230 16.65 -3.29 39.83
N ASP A 231 16.98 -4.39 39.13
CA ASP A 231 18.22 -5.15 39.32
C ASP A 231 19.27 -4.64 38.34
N GLU A 232 20.08 -3.65 38.75
CA GLU A 232 21.10 -3.05 37.90
C GLU A 232 22.17 -4.05 37.51
N LYS A 233 22.53 -4.95 38.44
CA LYS A 233 23.54 -5.99 38.21
C LYS A 233 23.09 -6.99 37.13
N ARG A 234 21.79 -7.29 37.06
CA ARG A 234 21.24 -8.20 36.05
C ARG A 234 21.29 -7.54 34.67
N HIS A 235 20.96 -6.22 34.61
CA HIS A 235 20.97 -5.48 33.36
C HIS A 235 22.40 -5.36 32.83
N GLU A 236 23.38 -5.14 33.73
CA GLU A 236 24.79 -5.04 33.33
C GLU A 236 25.31 -6.35 32.75
N HIS A 237 24.83 -7.47 33.29
CA HIS A 237 25.20 -8.80 32.83
C HIS A 237 24.57 -9.10 31.46
N LEU A 238 23.29 -8.73 31.27
CA LEU A 238 22.60 -8.94 30.00
C LEU A 238 23.18 -8.11 28.86
N LEU A 239 23.71 -6.92 29.17
CA LEU A 239 24.35 -6.05 28.20
C LEU A 239 25.60 -6.76 27.64
N SER A 240 26.38 -7.40 28.53
CA SER A 240 27.59 -8.16 28.21
C SER A 240 27.28 -9.39 27.35
N LYS A 241 26.13 -10.04 27.59
CA LYS A 241 25.71 -11.21 26.80
C LYS A 241 25.06 -10.83 25.44
N GLY A 242 25.07 -9.55 25.08
CA GLY A 242 24.50 -9.06 23.84
C GLY A 242 22.99 -8.96 23.82
N GLU A 243 22.32 -9.27 24.96
CA GLU A 243 20.86 -9.27 25.10
C GLU A 243 20.25 -7.88 25.34
N ARG A 244 21.06 -6.93 25.82
CA ARG A 244 20.65 -5.54 26.05
C ARG A 244 21.60 -4.59 25.30
N ARG A 245 21.12 -3.40 24.94
CA ARG A 245 21.94 -2.44 24.20
C ARG A 245 22.13 -1.11 24.96
N LEU A 246 21.06 -0.59 25.56
CA LEU A 246 21.11 0.67 26.29
C LEU A 246 21.64 0.52 27.70
N SER A 247 22.34 1.56 28.18
CA SER A 247 22.85 1.61 29.55
C SER A 247 21.70 1.73 30.53
N TYR A 248 21.90 1.34 31.79
CA TYR A 248 20.86 1.40 32.80
C TYR A 248 20.24 2.79 32.95
N ARG A 249 21.03 3.86 32.87
CA ARG A 249 20.53 5.24 32.97
C ARG A 249 19.71 5.63 31.73
N ALA A 250 20.13 5.18 30.54
CA ALA A 250 19.40 5.43 29.29
C ALA A 250 18.07 4.67 29.29
N LEU A 251 18.06 3.48 29.92
CA LEU A 251 16.89 2.62 30.07
C LEU A 251 15.91 3.29 31.06
N GLN A 252 16.43 3.90 32.13
CA GLN A 252 15.59 4.59 33.09
C GLN A 252 14.97 5.83 32.43
N GLY A 253 15.76 6.55 31.64
CA GLY A 253 15.32 7.75 30.94
C GLY A 253 14.26 7.48 29.90
N ALA A 254 14.37 6.36 29.20
CA ALA A 254 13.38 5.98 28.20
C ALA A 254 12.04 5.69 28.86
N LEU A 255 12.06 5.04 30.03
CA LEU A 255 10.84 4.74 30.78
C LEU A 255 10.16 6.01 31.34
N MET A 256 10.96 7.04 31.65
CA MET A 256 10.48 8.35 32.11
C MET A 256 9.67 8.99 30.97
N ILE A 257 10.19 8.95 29.74
CA ILE A 257 9.49 9.49 28.58
C ILE A 257 8.21 8.68 28.29
N TYR A 258 8.25 7.36 28.52
CA TYR A 258 7.10 6.48 28.32
C TYR A 258 5.92 6.81 29.21
N PHE A 259 6.17 6.95 30.52
CA PHE A 259 5.11 7.18 31.48
C PHE A 259 4.58 8.59 31.45
N TYR A 260 5.48 9.56 31.28
CA TYR A 260 5.10 10.96 31.27
C TYR A 260 5.03 11.55 29.87
N ARG A 261 4.65 10.72 28.88
CA ARG A 261 4.54 11.13 27.50
C ARG A 261 3.52 12.23 27.27
N GLU A 262 2.47 12.30 28.09
CA GLU A 262 1.46 13.33 27.94
C GLU A 262 1.97 14.70 28.36
N GLU A 263 2.97 14.77 29.28
CA GLU A 263 3.56 16.02 29.73
C GLU A 263 4.29 16.70 28.57
N PRO A 264 3.96 17.99 28.31
CA PRO A 264 4.49 18.67 27.12
C PRO A 264 5.95 18.38 26.73
N ARG A 265 6.87 18.46 27.69
CA ARG A 265 8.28 18.25 27.43
C ARG A 265 8.61 16.88 26.80
N PHE A 266 7.80 15.87 27.10
CA PHE A 266 8.03 14.53 26.59
C PHE A 266 7.12 14.10 25.44
N GLN A 267 6.23 14.99 24.95
CA GLN A 267 5.33 14.64 23.85
C GLN A 267 6.09 14.30 22.58
N VAL A 268 6.96 15.21 22.09
CA VAL A 268 7.77 14.95 20.89
C VAL A 268 8.87 13.88 21.15
N PRO A 269 9.63 13.86 22.27
CA PRO A 269 10.58 12.75 22.48
C PRO A 269 9.91 11.38 22.46
N PHE A 270 8.62 11.28 22.87
CA PHE A 270 7.93 9.99 22.82
C PHE A 270 7.75 9.55 21.36
N GLN A 271 7.42 10.49 20.48
CA GLN A 271 7.28 10.24 19.06
C GLN A 271 8.61 9.75 18.48
N LEU A 272 9.74 10.29 18.96
CA LEU A 272 11.08 9.87 18.52
C LEU A 272 11.35 8.39 18.89
N LEU A 273 11.07 7.99 20.15
CA LEU A 273 11.24 6.61 20.61
C LEU A 273 10.34 5.68 19.82
N THR A 274 9.10 6.11 19.57
CA THR A 274 8.09 5.38 18.80
C THR A 274 8.64 5.09 17.39
N SER A 275 9.24 6.12 16.77
CA SER A 275 9.80 6.08 15.43
C SER A 275 11.03 5.18 15.35
N LEU A 276 11.86 5.18 16.39
CA LEU A 276 13.03 4.31 16.42
C LEU A 276 12.61 2.84 16.45
N MET A 277 11.50 2.51 17.12
CA MET A 277 10.98 1.16 17.15
C MET A 277 10.36 0.81 15.80
N ASP A 278 9.62 1.75 15.20
CA ASP A 278 8.96 1.56 13.90
C ASP A 278 9.99 1.28 12.83
N ILE A 279 11.12 2.02 12.83
CA ILE A 279 12.22 1.84 11.87
C ILE A 279 12.82 0.45 12.03
N ASP A 280 12.98 -0.01 13.26
CA ASP A 280 13.50 -1.33 13.57
C ASP A 280 12.61 -2.45 13.03
N SER A 281 11.28 -2.27 13.10
CA SER A 281 10.31 -3.25 12.60
C SER A 281 10.38 -3.32 11.08
N LEU A 282 10.48 -2.15 10.42
CA LEU A 282 10.56 -2.04 8.98
C LEU A 282 11.87 -2.56 8.43
N MET A 283 12.99 -2.34 9.14
CA MET A 283 14.30 -2.85 8.72
C MET A 283 14.25 -4.40 8.70
N THR A 284 13.55 -5.01 9.65
CA THR A 284 13.40 -6.46 9.74
C THR A 284 12.43 -6.98 8.68
N LYS A 285 11.31 -6.28 8.45
CA LYS A 285 10.36 -6.65 7.41
C LYS A 285 11.03 -6.58 6.04
N TRP A 286 11.97 -5.64 5.82
CA TRP A 286 12.67 -5.56 4.54
C TRP A 286 13.64 -6.73 4.41
N ARG A 287 14.39 -7.05 5.48
CA ARG A 287 15.31 -8.18 5.47
C ARG A 287 14.55 -9.50 5.21
N TYR A 288 13.31 -9.62 5.73
CA TYR A 288 12.46 -10.80 5.54
C TYR A 288 12.03 -10.94 4.10
N ASN A 289 11.46 -9.88 3.49
CA ASN A 289 11.02 -9.93 2.09
C ASN A 289 12.18 -10.18 1.15
N HIS A 290 13.35 -9.64 1.47
CA HIS A 290 14.53 -9.83 0.65
C HIS A 290 14.98 -11.28 0.72
N VAL A 291 14.98 -11.87 1.91
CA VAL A 291 15.35 -13.27 2.12
C VAL A 291 14.40 -14.20 1.38
N CYS A 292 13.08 -13.93 1.45
CA CYS A 292 12.06 -14.71 0.75
C CYS A 292 12.32 -14.67 -0.75
N MET A 293 12.68 -13.48 -1.28
CA MET A 293 12.97 -13.27 -2.69
C MET A 293 14.17 -14.04 -3.17
N VAL A 294 15.18 -14.19 -2.32
CA VAL A 294 16.36 -14.97 -2.68
C VAL A 294 16.01 -16.45 -2.73
N HIS A 295 15.25 -16.93 -1.72
CA HIS A 295 14.82 -18.33 -1.70
C HIS A 295 13.78 -18.65 -2.80
N ARG A 296 13.10 -17.62 -3.33
CA ARG A 296 12.11 -17.77 -4.40
C ARG A 296 12.83 -17.89 -5.74
N MET A 297 13.87 -17.09 -5.97
CA MET A 297 14.61 -17.11 -7.23
C MET A 297 15.73 -18.14 -7.30
N LEU A 298 16.28 -18.56 -6.14
CA LEU A 298 17.40 -19.49 -6.14
C LEU A 298 17.10 -20.85 -5.51
N GLY A 299 15.99 -20.99 -4.80
CA GLY A 299 15.66 -22.24 -4.14
C GLY A 299 16.21 -22.31 -2.72
N SER A 300 15.40 -22.79 -1.76
CA SER A 300 15.82 -22.87 -0.35
C SER A 300 16.63 -24.14 -0.06
N VAL A 317 12.79 -12.64 10.90
CA VAL A 317 12.12 -12.59 12.20
C VAL A 317 13.11 -12.84 13.35
N SER A 318 14.34 -12.31 13.23
CA SER A 318 15.38 -12.45 14.26
C SER A 318 15.39 -11.28 15.25
N ASP A 319 15.26 -11.56 16.56
CA ASP A 319 15.23 -10.54 17.62
C ASP A 319 16.59 -9.85 17.82
N ARG A 320 17.68 -10.60 17.56
CA ARG A 320 19.05 -10.07 17.68
C ARG A 320 19.30 -8.90 16.72
N TYR A 321 18.58 -8.86 15.57
CA TYR A 321 18.69 -7.77 14.60
C TYR A 321 18.01 -6.46 15.05
N LYS A 322 17.32 -6.47 16.21
CA LYS A 322 16.68 -5.26 16.73
C LYS A 322 17.65 -4.46 17.59
N VAL A 323 18.05 -3.29 17.09
CA VAL A 323 18.96 -2.34 17.74
C VAL A 323 18.27 -1.73 18.98
N PHE A 324 16.99 -1.37 18.82
CA PHE A 324 16.21 -0.76 19.87
C PHE A 324 15.34 -1.78 20.59
N VAL A 325 15.91 -2.96 20.92
CA VAL A 325 15.24 -4.02 21.68
C VAL A 325 14.71 -3.52 23.01
N ASP A 326 15.46 -2.63 23.65
CA ASP A 326 15.12 -2.06 24.95
C ASP A 326 13.86 -1.20 24.87
N LEU A 327 13.64 -0.48 23.77
CA LEU A 327 12.42 0.31 23.62
C LEU A 327 11.20 -0.60 23.48
N PHE A 328 11.35 -1.76 22.82
CA PHE A 328 10.27 -2.73 22.73
C PHE A 328 10.06 -3.33 24.12
N ASN A 329 11.15 -3.70 24.81
CA ASN A 329 11.19 -4.28 26.14
C ASN A 329 10.43 -3.48 27.18
N LEU A 330 10.64 -2.15 27.22
CA LEU A 330 9.98 -1.27 28.19
C LEU A 330 8.47 -1.18 27.96
N SER A 331 8.03 -1.32 26.71
CA SER A 331 6.59 -1.30 26.40
C SER A 331 5.88 -2.58 26.91
N THR A 332 6.63 -3.68 27.10
CA THR A 332 6.12 -4.97 27.52
C THR A 332 6.13 -5.22 29.03
N TYR A 333 6.43 -4.19 29.86
CA TYR A 333 6.43 -4.40 31.31
C TYR A 333 5.01 -4.48 31.92
N LEU A 334 4.05 -3.62 31.49
CA LEU A 334 2.65 -3.63 31.92
C LEU A 334 2.41 -3.17 33.36
N ILE A 335 2.89 -1.96 33.69
CA ILE A 335 2.64 -1.39 35.02
C ILE A 335 1.30 -0.65 34.99
N PRO A 336 0.41 -0.91 35.97
CA PRO A 336 -0.90 -0.24 35.98
C PRO A 336 -0.78 1.25 36.18
N ARG A 337 -1.54 2.02 35.40
CA ARG A 337 -1.55 3.48 35.40
C ARG A 337 -1.66 4.13 36.77
N HIS A 338 -2.41 3.51 37.71
CA HIS A 338 -2.57 4.09 39.04
C HIS A 338 -1.32 3.93 39.92
N TRP A 339 -0.33 3.12 39.50
CA TRP A 339 0.92 2.99 40.24
C TRP A 339 1.98 4.01 39.76
N ILE A 340 1.75 4.72 38.64
CA ILE A 340 2.72 5.69 38.11
C ILE A 340 2.84 6.86 39.07
N PRO A 341 4.07 7.16 39.53
CA PRO A 341 4.25 8.28 40.46
C PRO A 341 3.65 9.59 39.96
N LYS A 342 2.89 10.27 40.84
CA LYS A 342 2.16 11.50 40.51
C LYS A 342 3.07 12.70 40.25
N MET A 343 2.61 13.62 39.41
CA MET A 343 3.40 14.80 39.06
C MET A 343 2.82 16.08 39.64
N ASN A 344 3.59 16.78 40.49
CA ASN A 344 3.11 18.07 41.03
C ASN A 344 3.40 19.15 39.99
N PRO A 345 2.43 20.02 39.66
CA PRO A 345 2.68 21.03 38.62
C PRO A 345 3.53 22.24 39.05
N THR A 346 4.63 21.97 39.76
CA THR A 346 5.69 22.86 40.22
C THR A 346 6.98 22.07 39.85
N ILE A 347 7.15 21.76 38.51
CA ILE A 347 8.19 20.89 37.96
C ILE A 347 8.60 21.23 36.44
N HIS A 348 9.75 20.67 35.98
CA HIS A 348 10.45 20.72 34.67
C HIS A 348 9.65 20.29 33.43
N LYS A 349 8.58 19.52 33.63
CA LYS A 349 7.76 18.91 32.60
C LYS A 349 7.09 19.88 31.63
N PHE A 350 7.14 21.20 31.89
CA PHE A 350 6.53 22.18 30.99
C PHE A 350 7.45 23.35 30.62
N LEU A 351 8.71 23.36 31.09
CA LEU A 351 9.66 24.42 30.75
C LEU A 351 10.77 23.81 29.89
N GLU A 352 10.95 24.34 28.67
CA GLU A 352 11.93 23.80 27.73
C GLU A 352 13.32 24.45 27.86
N HIS A 353 14.32 23.93 27.09
CA HIS A 353 15.70 24.44 27.05
C HIS A 353 16.17 24.73 25.60
N LEU B 2 30.57 -10.52 -11.72
CA LEU B 2 30.47 -9.07 -11.76
C LEU B 2 30.12 -8.46 -10.39
N ILE B 3 30.88 -7.43 -9.97
CA ILE B 3 30.69 -6.73 -8.70
C ILE B 3 29.34 -6.03 -8.69
N TYR B 4 28.60 -6.09 -7.56
CA TYR B 4 27.26 -5.50 -7.41
C TYR B 4 27.15 -4.04 -7.92
N GLY B 5 28.04 -3.16 -7.47
CA GLY B 5 28.03 -1.77 -7.88
C GLY B 5 28.46 -1.54 -9.32
N ASN B 6 29.23 -2.46 -9.87
CA ASN B 6 29.71 -2.36 -11.24
C ASN B 6 28.68 -2.88 -12.21
N TYR B 7 27.94 -3.94 -11.84
CA TYR B 7 26.84 -4.53 -12.63
C TYR B 7 25.70 -3.50 -12.74
N LEU B 8 25.37 -2.86 -11.59
CA LEU B 8 24.32 -1.85 -11.48
C LEU B 8 24.75 -0.47 -11.95
N HIS B 9 26.06 -0.26 -12.26
CA HIS B 9 26.61 1.02 -12.68
C HIS B 9 26.29 2.12 -11.70
N LEU B 10 26.47 1.82 -10.41
CA LEU B 10 26.22 2.76 -9.31
C LEU B 10 27.10 4.01 -9.39
N GLU B 11 28.24 3.96 -10.09
CA GLU B 11 29.11 5.12 -10.28
C GLU B 11 28.41 6.27 -11.07
N LYS B 12 27.28 5.98 -11.72
CA LYS B 12 26.50 6.96 -12.46
C LYS B 12 25.27 7.32 -11.60
N VAL B 13 24.50 6.30 -11.20
CA VAL B 13 23.27 6.44 -10.42
C VAL B 13 23.48 7.16 -9.07
N LEU B 14 24.47 6.69 -8.30
CA LEU B 14 24.77 7.23 -6.98
C LEU B 14 25.77 8.41 -7.00
N ASN B 15 25.94 9.06 -8.16
CA ASN B 15 26.81 10.24 -8.36
C ASN B 15 26.14 11.28 -9.26
N ALA B 16 24.80 11.34 -9.25
CA ALA B 16 24.00 12.26 -10.07
C ALA B 16 23.13 13.21 -9.20
N GLN B 17 23.57 13.48 -7.97
CA GLN B 17 22.79 14.30 -7.04
C GLN B 17 23.44 15.67 -6.76
N GLU B 18 23.14 16.65 -7.64
CA GLU B 18 23.65 18.01 -7.51
C GLU B 18 22.54 18.88 -6.96
N LEU B 19 22.63 19.22 -5.66
CA LEU B 19 21.65 20.06 -5.00
C LEU B 19 21.87 21.46 -5.50
N GLN B 20 20.90 21.99 -6.27
CA GLN B 20 20.97 23.32 -6.86
C GLN B 20 21.01 24.44 -5.83
N SER B 21 20.46 24.21 -4.62
CA SER B 21 20.47 25.19 -3.55
C SER B 21 21.90 25.30 -3.03
N GLU B 22 22.56 24.15 -2.79
CA GLU B 22 23.94 24.09 -2.35
C GLU B 22 24.88 24.70 -3.38
N THR B 23 24.62 24.45 -4.67
CA THR B 23 25.39 24.97 -5.81
C THR B 23 25.25 26.49 -5.95
N LYS B 24 24.03 27.02 -5.81
CA LYS B 24 23.81 28.47 -5.98
C LYS B 24 23.76 29.26 -4.68
N GLY B 25 24.21 28.67 -3.58
CA GLY B 25 24.21 29.38 -2.30
C GLY B 25 24.10 28.48 -1.10
N ASN B 26 23.00 28.63 -0.35
CA ASN B 26 22.81 27.84 0.86
C ASN B 26 22.11 26.53 0.61
N LYS B 27 22.69 25.44 1.14
CA LYS B 27 22.15 24.10 1.01
C LYS B 27 20.83 23.98 1.77
N ILE B 28 19.82 23.37 1.15
CA ILE B 28 18.52 23.14 1.78
C ILE B 28 18.35 21.64 1.83
N HIS B 29 18.38 21.04 3.02
CA HIS B 29 18.30 19.60 3.25
C HIS B 29 17.21 18.85 2.46
N ASP B 30 15.96 19.35 2.51
CA ASP B 30 14.86 18.69 1.85
C ASP B 30 14.99 18.57 0.32
N GLU B 31 15.83 19.39 -0.33
CA GLU B 31 16.00 19.32 -1.79
C GLU B 31 16.54 17.96 -2.28
N HIS B 32 17.22 17.21 -1.42
CA HIS B 32 17.74 15.90 -1.79
C HIS B 32 16.58 14.94 -2.03
N LEU B 33 15.51 15.04 -1.22
CA LEU B 33 14.33 14.17 -1.37
C LEU B 33 13.63 14.45 -2.70
N PHE B 34 13.59 15.71 -3.11
CA PHE B 34 12.99 16.14 -4.35
C PHE B 34 13.75 15.52 -5.51
N ILE B 35 15.10 15.59 -5.47
CA ILE B 35 15.93 15.01 -6.51
C ILE B 35 15.74 13.48 -6.59
N ILE B 36 15.93 12.75 -5.47
CA ILE B 36 15.82 11.28 -5.47
C ILE B 36 14.41 10.81 -5.86
N THR B 37 13.34 11.41 -5.33
CA THR B 37 11.97 10.98 -5.67
C THR B 37 11.71 11.03 -7.19
N HIS B 38 12.19 12.09 -7.89
CA HIS B 38 12.03 12.22 -9.33
C HIS B 38 12.97 11.33 -10.09
N GLN B 39 14.20 11.11 -9.59
CA GLN B 39 15.12 10.17 -10.24
C GLN B 39 14.54 8.75 -10.17
N ALA B 40 13.89 8.38 -9.05
CA ALA B 40 13.21 7.09 -8.83
C ALA B 40 12.00 6.95 -9.76
N TYR B 41 11.23 8.03 -9.97
CA TYR B 41 10.11 8.01 -10.92
C TYR B 41 10.64 7.75 -12.33
N GLU B 42 11.74 8.42 -12.71
CA GLU B 42 12.34 8.25 -14.02
C GLU B 42 12.88 6.85 -14.26
N LEU B 43 13.38 6.18 -13.20
CA LEU B 43 13.85 4.78 -13.38
C LEU B 43 12.65 3.89 -13.74
N TRP B 44 11.51 4.10 -13.06
CA TRP B 44 10.32 3.30 -13.33
C TRP B 44 9.67 3.66 -14.64
N PHE B 45 9.81 4.90 -15.12
CA PHE B 45 9.29 5.26 -16.44
C PHE B 45 10.08 4.51 -17.51
N LYS B 46 11.41 4.34 -17.31
CA LYS B 46 12.24 3.60 -18.26
C LYS B 46 11.81 2.14 -18.30
N GLN B 47 11.49 1.55 -17.15
CA GLN B 47 11.03 0.15 -17.09
C GLN B 47 9.66 0.03 -17.71
N ILE B 48 8.73 1.00 -17.47
CA ILE B 48 7.40 0.98 -18.08
C ILE B 48 7.55 1.08 -19.59
N LEU B 49 8.46 1.93 -20.08
CA LEU B 49 8.72 2.06 -21.52
C LEU B 49 9.33 0.78 -22.10
N TRP B 50 10.19 0.10 -21.34
CA TRP B 50 10.83 -1.15 -21.76
C TRP B 50 9.76 -2.23 -21.94
N GLU B 51 8.77 -2.30 -21.03
CA GLU B 51 7.71 -3.31 -21.15
C GLU B 51 6.74 -2.95 -22.26
N LEU B 52 6.32 -1.68 -22.31
CA LEU B 52 5.37 -1.19 -23.30
C LEU B 52 5.91 -1.34 -24.71
N ASP B 53 7.18 -0.99 -24.93
CA ASP B 53 7.79 -1.09 -26.26
C ASP B 53 7.94 -2.54 -26.69
N SER B 54 8.21 -3.44 -25.74
CA SER B 54 8.36 -4.86 -26.06
C SER B 54 7.02 -5.47 -26.47
N VAL B 55 5.95 -5.09 -25.78
CA VAL B 55 4.60 -5.56 -26.09
C VAL B 55 4.15 -4.95 -27.43
N ARG B 56 4.45 -3.65 -27.65
CA ARG B 56 4.14 -2.96 -28.90
C ARG B 56 4.81 -3.69 -30.07
N GLU B 57 6.07 -4.14 -29.88
CA GLU B 57 6.83 -4.87 -30.91
C GLU B 57 6.17 -6.19 -31.25
N ILE B 58 5.76 -6.98 -30.25
CA ILE B 58 5.06 -8.26 -30.46
C ILE B 58 3.81 -8.07 -31.35
N PHE B 59 3.12 -6.94 -31.19
CA PHE B 59 1.96 -6.62 -32.00
C PHE B 59 2.36 -6.23 -33.42
N GLN B 60 3.22 -5.19 -33.58
CA GLN B 60 3.68 -4.66 -34.87
C GLN B 60 4.38 -5.69 -35.75
N ASN B 61 5.19 -6.58 -35.16
CA ASN B 61 5.90 -7.60 -35.93
C ASN B 61 5.08 -8.91 -36.10
N GLY B 62 3.77 -8.83 -35.91
CA GLY B 62 2.85 -9.94 -36.12
C GLY B 62 3.01 -11.15 -35.23
N HIS B 63 3.80 -11.06 -34.16
CA HIS B 63 3.99 -12.20 -33.25
C HIS B 63 2.75 -12.52 -32.40
N VAL B 64 1.83 -11.54 -32.22
CA VAL B 64 0.56 -11.76 -31.52
C VAL B 64 -0.32 -12.81 -32.23
N ARG B 65 -0.09 -13.02 -33.55
CA ARG B 65 -0.82 -14.02 -34.34
C ARG B 65 -0.50 -15.40 -33.78
N ASP B 66 0.79 -15.67 -33.41
CA ASP B 66 1.15 -16.90 -32.74
C ASP B 66 0.68 -16.69 -31.31
N GLU B 67 -0.39 -17.39 -30.94
CA GLU B 67 -1.05 -17.24 -29.64
C GLU B 67 -0.25 -17.80 -28.44
N ARG B 68 0.88 -18.48 -28.68
CA ARG B 68 1.78 -18.92 -27.60
C ARG B 68 2.35 -17.68 -26.83
N ASN B 69 2.32 -16.48 -27.45
CA ASN B 69 2.81 -15.23 -26.90
C ASN B 69 1.77 -14.46 -26.10
N MET B 70 0.52 -14.91 -26.03
CA MET B 70 -0.52 -14.20 -25.29
C MET B 70 -0.28 -14.14 -23.80
N LEU B 71 0.42 -15.13 -23.25
CA LEU B 71 0.76 -15.15 -21.84
C LEU B 71 1.80 -14.06 -21.60
N LYS B 72 2.83 -13.99 -22.45
CA LYS B 72 3.91 -13.00 -22.40
C LYS B 72 3.32 -11.59 -22.46
N VAL B 73 2.43 -11.29 -23.44
CA VAL B 73 1.79 -9.98 -23.61
C VAL B 73 1.00 -9.57 -22.35
N VAL B 74 0.10 -10.45 -21.88
CA VAL B 74 -0.69 -10.20 -20.69
C VAL B 74 0.20 -10.03 -19.44
N SER B 75 1.19 -10.89 -19.26
CA SER B 75 2.11 -10.84 -18.12
C SER B 75 2.82 -9.50 -18.03
N ARG B 76 3.32 -9.00 -19.19
CA ARG B 76 4.03 -7.72 -19.26
C ARG B 76 3.10 -6.54 -19.08
N MET B 77 1.84 -6.66 -19.55
CA MET B 77 0.87 -5.59 -19.34
C MET B 77 0.47 -5.50 -17.87
N HIS B 78 0.41 -6.65 -17.19
CA HIS B 78 0.11 -6.68 -15.78
C HIS B 78 1.25 -6.04 -15.00
N ARG B 79 2.50 -6.33 -15.39
CA ARG B 79 3.69 -5.75 -14.77
C ARG B 79 3.65 -4.22 -14.86
N VAL B 80 3.25 -3.66 -16.02
CA VAL B 80 3.11 -2.20 -16.19
C VAL B 80 2.10 -1.65 -15.16
N SER B 81 0.99 -2.35 -14.91
CA SER B 81 0.01 -1.90 -13.92
C SER B 81 0.56 -1.99 -12.48
N VAL B 82 1.35 -3.04 -12.18
CA VAL B 82 1.97 -3.20 -10.86
C VAL B 82 2.92 -2.06 -10.59
N ILE B 83 3.79 -1.72 -11.57
CA ILE B 83 4.74 -0.61 -11.46
C ILE B 83 3.97 0.67 -11.28
N LEU B 84 2.93 0.89 -12.09
CA LEU B 84 2.08 2.07 -11.96
C LEU B 84 1.44 2.20 -10.57
N LYS B 85 1.05 1.07 -9.94
CA LYS B 85 0.46 1.09 -8.60
C LYS B 85 1.47 1.59 -7.58
N LEU B 86 2.76 1.21 -7.73
CA LEU B 86 3.82 1.67 -6.82
C LEU B 86 4.15 3.15 -7.02
N LEU B 87 4.01 3.67 -8.27
CA LEU B 87 4.27 5.08 -8.52
C LEU B 87 3.22 5.97 -7.87
N VAL B 88 1.97 5.51 -7.78
CA VAL B 88 0.92 6.24 -7.09
C VAL B 88 1.21 6.27 -5.57
N GLN B 89 1.74 5.14 -5.03
CA GLN B 89 2.15 5.00 -3.64
C GLN B 89 3.35 5.87 -3.33
N GLN B 90 4.28 6.02 -4.29
CA GLN B 90 5.50 6.81 -4.13
C GLN B 90 5.24 8.29 -3.78
N PHE B 91 4.01 8.78 -4.02
CA PHE B 91 3.64 10.15 -3.66
C PHE B 91 3.61 10.36 -2.14
N SER B 92 3.53 9.27 -1.34
CA SER B 92 3.53 9.36 0.11
C SER B 92 4.87 9.89 0.66
N ILE B 93 5.96 9.72 -0.10
CA ILE B 93 7.29 10.16 0.27
C ILE B 93 7.42 11.67 0.09
N LEU B 94 6.83 12.25 -0.97
CA LEU B 94 6.78 13.71 -1.18
C LEU B 94 5.92 14.40 -0.11
N GLU B 95 4.89 13.70 0.38
CA GLU B 95 4.02 14.18 1.46
C GLU B 95 4.79 14.46 2.73
N THR B 96 5.92 13.74 2.97
CA THR B 96 6.76 13.97 4.14
C THR B 96 7.48 15.34 4.09
N MET B 97 7.48 16.03 2.94
CA MET B 97 8.11 17.34 2.82
C MET B 97 7.01 18.36 2.87
N THR B 98 7.08 19.28 3.85
CA THR B 98 6.06 20.33 3.96
C THR B 98 6.19 21.37 2.85
N ALA B 99 5.09 22.05 2.51
CA ALA B 99 5.15 23.10 1.49
C ALA B 99 6.00 24.29 1.95
N LEU B 100 6.11 24.51 3.28
CA LEU B 100 6.92 25.56 3.87
C LEU B 100 8.40 25.26 3.60
N ASP B 101 8.85 24.01 3.75
CA ASP B 101 10.25 23.65 3.50
C ASP B 101 10.59 23.65 2.01
N PHE B 102 9.61 23.34 1.16
CA PHE B 102 9.79 23.34 -0.29
C PHE B 102 10.13 24.76 -0.76
N ASN B 103 9.47 25.78 -0.18
CA ASN B 103 9.66 27.19 -0.52
C ASN B 103 11.10 27.68 -0.30
N ASP B 104 11.84 27.00 0.59
CA ASP B 104 13.23 27.32 0.89
C ASP B 104 14.16 27.00 -0.30
N PHE B 105 13.83 25.96 -1.11
CA PHE B 105 14.64 25.65 -2.30
C PHE B 105 13.93 25.97 -3.62
N ARG B 106 12.69 26.51 -3.58
CA ARG B 106 11.90 26.85 -4.75
C ARG B 106 12.57 27.89 -5.62
N GLU B 107 13.28 28.85 -5.01
CA GLU B 107 13.97 29.90 -5.76
C GLU B 107 15.06 29.38 -6.69
N TYR B 108 15.70 28.26 -6.32
CA TYR B 108 16.78 27.63 -7.10
C TYR B 108 16.26 26.64 -8.15
N LEU B 109 14.97 26.68 -8.49
CA LEU B 109 14.39 25.75 -9.45
C LEU B 109 13.83 26.45 -10.68
N SER B 110 13.65 25.69 -11.77
CA SER B 110 13.09 26.17 -13.03
C SER B 110 11.58 26.45 -12.90
N PRO B 111 10.96 27.25 -13.80
CA PRO B 111 9.50 27.45 -13.72
C PRO B 111 8.72 26.15 -14.02
N ALA B 112 7.38 26.17 -13.96
CA ALA B 112 6.57 24.98 -14.29
C ALA B 112 6.89 24.45 -15.70
N SER B 113 7.34 25.34 -16.61
CA SER B 113 7.74 25.03 -17.99
C SER B 113 9.04 24.20 -18.03
N GLY B 114 10.04 24.64 -17.26
CA GLY B 114 11.33 23.96 -17.18
C GLY B 114 11.25 22.58 -16.58
N PHE B 115 10.23 22.36 -15.71
CA PHE B 115 10.01 21.07 -15.04
C PHE B 115 8.94 20.20 -15.71
N GLN B 116 9.34 19.38 -16.70
CA GLN B 116 8.46 18.48 -17.44
C GLN B 116 9.23 17.23 -17.91
N SER B 117 8.69 16.03 -17.61
CA SER B 117 9.28 14.73 -17.95
C SER B 117 9.16 14.35 -19.43
N LEU B 118 10.28 13.95 -20.05
CA LEU B 118 10.27 13.50 -21.44
C LEU B 118 9.74 12.07 -21.47
N GLN B 119 10.19 11.21 -20.56
CA GLN B 119 9.78 9.83 -20.51
C GLN B 119 8.29 9.67 -20.29
N PHE B 120 7.66 10.50 -19.45
CA PHE B 120 6.22 10.40 -19.25
C PHE B 120 5.48 10.81 -20.52
N ARG B 121 6.00 11.83 -21.23
CA ARG B 121 5.42 12.29 -22.50
C ARG B 121 5.56 11.18 -23.55
N LEU B 122 6.71 10.50 -23.60
CA LEU B 122 6.96 9.41 -24.55
C LEU B 122 5.98 8.25 -24.27
N LEU B 123 5.78 7.91 -22.98
CA LEU B 123 4.88 6.86 -22.51
C LEU B 123 3.42 7.17 -22.89
N GLU B 124 2.98 8.41 -22.67
CA GLU B 124 1.62 8.81 -23.02
C GLU B 124 1.39 8.66 -24.53
N ASN B 125 2.37 9.06 -25.33
CA ASN B 125 2.28 8.96 -26.78
C ASN B 125 2.26 7.51 -27.26
N LYS B 126 3.09 6.65 -26.63
CA LYS B 126 3.20 5.24 -26.96
C LYS B 126 1.97 4.44 -26.59
N ILE B 127 1.24 4.85 -25.54
CA ILE B 127 -0.02 4.21 -25.18
C ILE B 127 -1.11 4.69 -26.17
N GLY B 128 -1.09 5.98 -26.51
CA GLY B 128 -2.02 6.53 -27.47
C GLY B 128 -2.87 7.67 -26.94
N VAL B 129 -2.31 8.51 -26.07
CA VAL B 129 -3.05 9.64 -25.53
C VAL B 129 -3.12 10.76 -26.58
N LEU B 130 -4.36 11.10 -26.99
CA LEU B 130 -4.74 12.10 -27.97
C LEU B 130 -4.12 13.45 -27.67
N GLN B 131 -3.56 14.15 -28.68
CA GLN B 131 -2.92 15.45 -28.49
C GLN B 131 -3.80 16.51 -27.81
N PHE B 146 12.27 20.23 -24.62
CA PHE B 146 13.09 19.16 -25.19
C PHE B 146 13.54 19.50 -26.61
N LYS B 147 14.85 19.37 -26.88
CA LYS B 147 15.40 19.66 -28.19
C LYS B 147 16.60 18.74 -28.49
N GLY B 148 16.84 18.49 -29.78
CA GLY B 148 17.95 17.66 -30.21
C GLY B 148 17.58 16.20 -30.36
N GLU B 149 18.30 15.33 -29.64
CA GLU B 149 17.99 13.89 -29.65
C GLU B 149 16.64 13.62 -28.95
N GLU B 150 16.29 14.43 -27.93
CA GLU B 150 15.03 14.33 -27.21
C GLU B 150 13.87 14.68 -28.14
N ASN B 151 14.05 15.69 -29.00
CA ASN B 151 13.03 16.12 -29.95
C ASN B 151 12.82 15.10 -31.08
N GLU B 152 13.89 14.38 -31.45
CA GLU B 152 13.80 13.35 -32.48
C GLU B 152 13.09 12.12 -31.91
N LEU B 153 13.40 11.75 -30.66
CA LEU B 153 12.79 10.62 -29.97
C LEU B 153 11.30 10.89 -29.67
N LEU B 154 10.93 12.16 -29.44
CA LEU B 154 9.54 12.55 -29.22
C LEU B 154 8.74 12.46 -30.53
N LEU B 155 9.37 12.83 -31.65
CA LEU B 155 8.77 12.77 -32.98
C LEU B 155 8.47 11.30 -33.34
N LYS B 156 9.40 10.38 -33.00
CA LYS B 156 9.24 8.95 -33.24
C LYS B 156 8.07 8.37 -32.46
N SER B 157 7.83 8.85 -31.21
CA SER B 157 6.73 8.39 -30.36
C SER B 157 5.38 8.71 -30.98
N GLU B 158 5.27 9.91 -31.57
CA GLU B 158 4.06 10.39 -32.21
C GLU B 158 3.87 9.75 -33.58
N GLN B 159 4.96 9.54 -34.32
CA GLN B 159 4.89 8.93 -35.64
C GLN B 159 4.55 7.43 -35.61
N GLU B 160 5.35 6.62 -34.90
CA GLU B 160 5.14 5.16 -34.80
C GLU B 160 3.77 4.76 -34.25
N LYS B 161 3.29 3.57 -34.64
CA LYS B 161 2.00 3.03 -34.22
C LYS B 161 1.87 2.94 -32.69
N THR B 162 0.83 3.56 -32.15
CA THR B 162 0.56 3.56 -30.72
C THR B 162 0.04 2.18 -30.30
N LEU B 163 0.04 1.88 -28.99
CA LEU B 163 -0.49 0.61 -28.48
C LEU B 163 -1.99 0.50 -28.82
N LEU B 164 -2.72 1.63 -28.81
CA LEU B 164 -4.12 1.63 -29.20
C LEU B 164 -4.32 1.19 -30.65
N GLU B 165 -3.51 1.72 -31.60
CA GLU B 165 -3.59 1.38 -33.03
C GLU B 165 -3.32 -0.11 -33.28
N LEU B 166 -2.33 -0.68 -32.55
CA LEU B 166 -1.91 -2.08 -32.66
C LEU B 166 -2.99 -3.01 -32.10
N VAL B 167 -3.58 -2.63 -30.96
CA VAL B 167 -4.66 -3.38 -30.33
C VAL B 167 -5.92 -3.30 -31.23
N GLU B 168 -6.17 -2.13 -31.85
CA GLU B 168 -7.30 -1.89 -32.75
C GLU B 168 -7.24 -2.83 -33.95
N ALA B 169 -6.07 -2.93 -34.60
CA ALA B 169 -5.86 -3.80 -35.76
C ALA B 169 -6.07 -5.27 -35.41
N TRP B 170 -5.62 -5.66 -34.21
CA TRP B 170 -5.71 -7.02 -33.67
C TRP B 170 -7.17 -7.38 -33.34
N LEU B 171 -7.92 -6.40 -32.82
CA LEU B 171 -9.33 -6.57 -32.48
C LEU B 171 -10.20 -6.77 -33.73
N GLU B 172 -9.76 -6.22 -34.90
CA GLU B 172 -10.48 -6.35 -36.17
C GLU B 172 -10.42 -7.79 -36.73
N ARG B 173 -9.37 -8.57 -36.33
CA ARG B 173 -9.17 -9.95 -36.74
C ARG B 173 -9.85 -10.98 -35.82
N THR B 174 -10.55 -10.53 -34.76
CA THR B 174 -11.21 -11.42 -33.78
C THR B 174 -12.08 -12.49 -34.44
N PRO B 175 -11.86 -13.77 -34.09
CA PRO B 175 -12.69 -14.84 -34.65
C PRO B 175 -14.15 -14.68 -34.30
N GLY B 176 -15.03 -15.10 -35.22
CA GLY B 176 -16.47 -15.01 -35.03
C GLY B 176 -17.12 -13.75 -35.58
N LEU B 177 -16.32 -12.77 -36.00
CA LEU B 177 -16.85 -11.51 -36.53
C LEU B 177 -17.41 -11.69 -37.94
N GLU B 178 -16.68 -12.46 -38.79
CA GLU B 178 -16.96 -12.74 -40.20
C GLU B 178 -18.43 -13.00 -40.48
N PRO B 179 -19.06 -12.22 -41.38
CA PRO B 179 -20.49 -12.40 -41.67
C PRO B 179 -20.82 -13.74 -42.32
N HIS B 180 -19.90 -14.25 -43.14
CA HIS B 180 -20.10 -15.55 -43.78
C HIS B 180 -19.84 -16.73 -42.82
N GLY B 181 -19.12 -16.49 -41.71
CA GLY B 181 -18.87 -17.49 -40.70
C GLY B 181 -19.86 -17.40 -39.56
N PHE B 182 -19.40 -17.03 -38.35
CA PHE B 182 -20.26 -16.93 -37.17
C PHE B 182 -21.26 -15.78 -37.24
N ASN B 183 -20.88 -14.67 -37.87
CA ASN B 183 -21.70 -13.45 -37.99
C ASN B 183 -22.25 -12.99 -36.64
N PHE B 184 -21.34 -12.58 -35.74
CA PHE B 184 -21.69 -12.14 -34.40
C PHE B 184 -22.59 -10.92 -34.42
N TRP B 185 -22.25 -9.89 -35.19
CA TRP B 185 -23.04 -8.66 -35.22
C TRP B 185 -24.44 -8.83 -35.79
N GLY B 186 -24.58 -9.72 -36.76
CA GLY B 186 -25.87 -10.03 -37.37
C GLY B 186 -26.78 -10.78 -36.42
N LYS B 187 -26.22 -11.79 -35.73
CA LYS B 187 -26.92 -12.59 -34.72
C LYS B 187 -27.33 -11.66 -33.57
N LEU B 188 -26.38 -10.88 -33.03
CA LEU B 188 -26.60 -9.97 -31.91
C LEU B 188 -27.72 -8.99 -32.19
N GLU B 189 -27.71 -8.35 -33.38
CA GLU B 189 -28.74 -7.39 -33.76
C GLU B 189 -30.09 -8.08 -33.87
N LYS B 190 -30.12 -9.26 -34.46
CA LYS B 190 -31.36 -10.03 -34.59
C LYS B 190 -31.92 -10.39 -33.22
N ASN B 191 -31.08 -10.91 -32.31
CA ASN B 191 -31.46 -11.33 -30.96
C ASN B 191 -31.98 -10.17 -30.12
N ILE B 192 -31.35 -9.02 -30.23
CA ILE B 192 -31.77 -7.84 -29.49
C ILE B 192 -33.11 -7.37 -30.01
N THR B 193 -33.27 -7.30 -31.33
CA THR B 193 -34.50 -6.88 -31.98
C THR B 193 -35.68 -7.79 -31.60
N ARG B 194 -35.47 -9.11 -31.65
CA ARG B 194 -36.51 -10.08 -31.31
C ARG B 194 -36.80 -10.11 -29.82
N GLY B 195 -35.78 -9.87 -28.99
CA GLY B 195 -35.94 -9.86 -27.54
C GLY B 195 -36.74 -8.67 -27.10
N LEU B 196 -36.51 -7.49 -27.75
CA LEU B 196 -37.24 -6.25 -27.48
C LEU B 196 -38.71 -6.37 -27.93
N GLU B 197 -39.00 -7.16 -28.97
CA GLU B 197 -40.35 -7.42 -29.44
C GLU B 197 -41.18 -8.16 -28.36
N GLU B 198 -40.65 -9.30 -27.86
CA GLU B 198 -41.32 -10.08 -26.82
C GLU B 198 -41.35 -9.36 -25.47
N GLU B 199 -40.37 -8.48 -25.20
CA GLU B 199 -40.36 -7.68 -23.97
C GLU B 199 -41.47 -6.64 -24.05
N PHE B 200 -41.65 -6.01 -25.23
CA PHE B 200 -42.71 -5.02 -25.47
C PHE B 200 -44.07 -5.67 -25.27
N ILE B 201 -44.25 -6.91 -25.75
CA ILE B 201 -45.49 -7.66 -25.56
C ILE B 201 -45.67 -7.99 -24.07
N ARG B 202 -46.28 -7.06 -23.34
CA ARG B 202 -46.52 -7.11 -21.91
C ARG B 202 -47.45 -5.96 -21.49
N GLN B 215 -43.12 1.49 -16.99
CA GLN B 215 -42.54 0.38 -17.74
C GLN B 215 -42.47 0.69 -19.23
N VAL B 216 -43.55 1.26 -19.79
CA VAL B 216 -43.58 1.63 -21.21
C VAL B 216 -42.59 2.77 -21.51
N ALA B 217 -42.44 3.70 -20.56
CA ALA B 217 -41.52 4.81 -20.71
C ALA B 217 -40.07 4.33 -20.62
N GLU B 218 -39.78 3.44 -19.65
CA GLU B 218 -38.44 2.87 -19.47
C GLU B 218 -38.06 1.92 -20.63
N PHE B 219 -39.05 1.34 -21.32
CA PHE B 219 -38.78 0.48 -22.45
C PHE B 219 -38.32 1.32 -23.63
N GLN B 220 -39.06 2.39 -23.98
CA GLN B 220 -38.69 3.26 -25.09
C GLN B 220 -37.29 3.86 -24.94
N LYS B 221 -36.84 4.06 -23.68
CA LYS B 221 -35.51 4.59 -23.36
C LYS B 221 -34.44 3.49 -23.48
N GLN B 222 -34.76 2.28 -22.99
CA GLN B 222 -33.86 1.13 -23.03
C GLN B 222 -33.61 0.68 -24.48
N LYS B 223 -34.66 0.63 -25.30
CA LYS B 223 -34.62 0.25 -26.71
C LYS B 223 -33.72 1.18 -27.52
N GLU B 224 -33.82 2.50 -27.26
CA GLU B 224 -33.00 3.51 -27.94
C GLU B 224 -31.51 3.31 -27.67
N VAL B 225 -31.16 2.92 -26.43
CA VAL B 225 -29.79 2.69 -26.01
C VAL B 225 -29.19 1.44 -26.68
N LEU B 226 -29.88 0.30 -26.59
CA LEU B 226 -29.39 -0.95 -27.17
C LEU B 226 -29.26 -0.91 -28.69
N LEU B 227 -30.26 -0.30 -29.36
CA LEU B 227 -30.23 -0.21 -30.82
C LEU B 227 -29.18 0.75 -31.35
N SER B 228 -28.80 1.77 -30.55
CA SER B 228 -27.77 2.75 -30.93
C SER B 228 -26.41 2.06 -31.18
N LEU B 229 -26.18 0.87 -30.58
CA LEU B 229 -24.95 0.08 -30.77
C LEU B 229 -24.75 -0.32 -32.24
N PHE B 230 -25.85 -0.51 -32.97
CA PHE B 230 -25.77 -0.95 -34.36
C PHE B 230 -25.77 0.21 -35.37
N ASP B 231 -25.64 1.47 -34.88
CA ASP B 231 -25.62 2.67 -35.71
C ASP B 231 -24.17 3.00 -36.06
N GLU B 232 -23.67 2.47 -37.19
CA GLU B 232 -22.30 2.68 -37.63
C GLU B 232 -22.02 4.14 -37.94
N LYS B 233 -23.03 4.86 -38.47
CA LYS B 233 -22.90 6.28 -38.80
C LYS B 233 -22.73 7.14 -37.53
N ARG B 234 -23.36 6.74 -36.42
CA ARG B 234 -23.24 7.45 -35.14
C ARG B 234 -21.84 7.23 -34.56
N HIS B 235 -21.31 6.00 -34.68
CA HIS B 235 -19.97 5.69 -34.20
C HIS B 235 -18.93 6.45 -35.00
N GLU B 236 -19.11 6.58 -36.33
CA GLU B 236 -18.19 7.32 -37.20
C GLU B 236 -18.18 8.81 -36.83
N HIS B 237 -19.33 9.36 -36.40
CA HIS B 237 -19.45 10.76 -35.98
C HIS B 237 -18.76 10.96 -34.62
N LEU B 238 -18.94 10.04 -33.67
CA LEU B 238 -18.33 10.15 -32.35
C LEU B 238 -16.82 10.03 -32.40
N LEU B 239 -16.28 9.25 -33.36
CA LEU B 239 -14.85 9.11 -33.56
C LEU B 239 -14.25 10.47 -33.97
N SER B 240 -14.95 11.19 -34.87
CA SER B 240 -14.59 12.52 -35.38
C SER B 240 -14.63 13.58 -34.28
N LYS B 241 -15.56 13.46 -33.32
CA LYS B 241 -15.63 14.40 -32.20
C LYS B 241 -14.60 14.07 -31.07
N GLY B 242 -13.75 13.07 -31.27
CA GLY B 242 -12.76 12.65 -30.28
C GLY B 242 -13.33 11.83 -29.13
N GLU B 243 -14.64 11.48 -29.19
CA GLU B 243 -15.33 10.71 -28.15
C GLU B 243 -15.12 9.18 -28.24
N ARG B 244 -14.76 8.70 -29.42
CA ARG B 244 -14.46 7.29 -29.64
C ARG B 244 -13.05 7.17 -30.22
N ARG B 245 -12.43 6.01 -30.03
CA ARG B 245 -11.06 5.81 -30.51
C ARG B 245 -10.96 4.61 -31.44
N LEU B 246 -11.65 3.51 -31.11
CA LEU B 246 -11.59 2.28 -31.89
C LEU B 246 -12.49 2.31 -33.11
N SER B 247 -12.06 1.65 -34.18
CA SER B 247 -12.87 1.50 -35.38
C SER B 247 -14.09 0.63 -35.10
N TYR B 248 -15.16 0.76 -35.90
CA TYR B 248 -16.36 -0.03 -35.72
C TYR B 248 -16.11 -1.54 -35.67
N ARG B 249 -15.19 -2.07 -36.52
CA ARG B 249 -14.84 -3.51 -36.53
C ARG B 249 -14.05 -3.92 -35.27
N ALA B 250 -13.16 -3.04 -34.78
CA ALA B 250 -12.40 -3.31 -33.56
C ALA B 250 -13.33 -3.26 -32.33
N LEU B 251 -14.37 -2.40 -32.39
CA LEU B 251 -15.39 -2.27 -31.36
C LEU B 251 -16.25 -3.52 -31.31
N GLN B 252 -16.57 -4.09 -32.49
CA GLN B 252 -17.34 -5.31 -32.59
C GLN B 252 -16.51 -6.49 -32.02
N GLY B 253 -15.22 -6.52 -32.34
CA GLY B 253 -14.32 -7.58 -31.89
C GLY B 253 -14.10 -7.56 -30.40
N ALA B 254 -14.04 -6.37 -29.79
CA ALA B 254 -13.87 -6.26 -28.35
C ALA B 254 -15.10 -6.80 -27.63
N LEU B 255 -16.30 -6.53 -28.15
CA LEU B 255 -17.54 -7.03 -27.58
C LEU B 255 -17.65 -8.57 -27.71
N MET B 256 -17.07 -9.15 -28.76
CA MET B 256 -17.04 -10.60 -28.99
C MET B 256 -16.22 -11.24 -27.85
N ILE B 257 -15.06 -10.66 -27.53
CA ILE B 257 -14.23 -11.15 -26.44
C ILE B 257 -14.94 -11.00 -25.09
N TYR B 258 -15.72 -9.93 -24.93
CA TYR B 258 -16.47 -9.66 -23.71
C TYR B 258 -17.51 -10.71 -23.42
N PHE B 259 -18.36 -11.02 -24.42
CA PHE B 259 -19.45 -11.95 -24.22
C PHE B 259 -19.00 -13.39 -24.13
N TYR B 260 -18.02 -13.76 -24.94
CA TYR B 260 -17.53 -15.14 -24.97
C TYR B 260 -16.20 -15.32 -24.23
N ARG B 261 -16.00 -14.53 -23.16
CA ARG B 261 -14.77 -14.56 -22.36
C ARG B 261 -14.49 -15.89 -21.70
N GLU B 262 -15.55 -16.65 -21.36
CA GLU B 262 -15.34 -17.95 -20.72
C GLU B 262 -14.80 -18.99 -21.72
N GLU B 263 -15.06 -18.83 -23.04
CA GLU B 263 -14.57 -19.76 -24.07
C GLU B 263 -13.07 -19.71 -24.10
N PRO B 264 -12.39 -20.88 -23.97
CA PRO B 264 -10.91 -20.90 -23.87
C PRO B 264 -10.13 -19.90 -24.74
N ARG B 265 -10.45 -19.82 -26.03
CA ARG B 265 -9.77 -18.92 -26.94
C ARG B 265 -9.80 -17.44 -26.50
N PHE B 266 -10.86 -17.02 -25.81
CA PHE B 266 -10.98 -15.63 -25.37
C PHE B 266 -10.67 -15.38 -23.90
N GLN B 267 -10.26 -16.40 -23.14
CA GLN B 267 -9.93 -16.23 -21.72
C GLN B 267 -8.77 -15.27 -21.51
N VAL B 268 -7.60 -15.53 -22.12
CA VAL B 268 -6.44 -14.64 -21.99
C VAL B 268 -6.67 -13.29 -22.72
N PRO B 269 -7.25 -13.21 -23.96
CA PRO B 269 -7.52 -11.90 -24.56
C PRO B 269 -8.43 -11.03 -23.70
N PHE B 270 -9.37 -11.64 -22.92
CA PHE B 270 -10.22 -10.87 -21.99
C PHE B 270 -9.37 -10.21 -20.90
N GLN B 271 -8.36 -10.94 -20.38
CA GLN B 271 -7.43 -10.43 -19.40
C GLN B 271 -6.63 -9.28 -19.99
N LEU B 272 -6.27 -9.35 -21.28
CA LEU B 272 -5.54 -8.26 -21.95
C LEU B 272 -6.39 -6.98 -22.01
N LEU B 273 -7.68 -7.09 -22.39
CA LEU B 273 -8.60 -5.94 -22.42
C LEU B 273 -8.79 -5.37 -21.04
N THR B 274 -8.90 -6.24 -20.02
CA THR B 274 -9.06 -5.90 -18.62
C THR B 274 -7.85 -5.08 -18.15
N SER B 275 -6.64 -5.53 -18.53
CA SER B 275 -5.38 -4.90 -18.19
C SER B 275 -5.23 -3.53 -18.85
N LEU B 276 -5.67 -3.39 -20.11
CA LEU B 276 -5.62 -2.11 -20.84
C LEU B 276 -6.50 -1.08 -20.15
N MET B 277 -7.65 -1.50 -19.59
CA MET B 277 -8.52 -0.59 -18.87
C MET B 277 -7.88 -0.23 -17.54
N ASP B 278 -7.30 -1.23 -16.84
CA ASP B 278 -6.65 -1.01 -15.55
C ASP B 278 -5.49 -0.03 -15.68
N ILE B 279 -4.67 -0.16 -16.74
CA ILE B 279 -3.56 0.75 -17.02
C ILE B 279 -4.07 2.18 -17.24
N ASP B 280 -5.20 2.32 -17.93
CA ASP B 280 -5.83 3.61 -18.18
C ASP B 280 -6.32 4.30 -16.89
N SER B 281 -6.81 3.51 -15.91
CA SER B 281 -7.27 4.03 -14.64
C SER B 281 -6.06 4.54 -13.84
N LEU B 282 -4.97 3.75 -13.84
CA LEU B 282 -3.74 4.07 -13.12
C LEU B 282 -3.01 5.26 -13.71
N MET B 283 -3.03 5.40 -15.05
CA MET B 283 -2.41 6.55 -15.72
C MET B 283 -3.08 7.85 -15.27
N THR B 284 -4.39 7.81 -15.10
CA THR B 284 -5.17 8.96 -14.64
C THR B 284 -4.98 9.21 -13.13
N LYS B 285 -4.95 8.16 -12.31
CA LYS B 285 -4.68 8.30 -10.89
C LYS B 285 -3.29 8.87 -10.65
N TRP B 286 -2.31 8.57 -11.51
CA TRP B 286 -0.97 9.13 -11.36
C TRP B 286 -1.01 10.60 -11.74
N ARG B 287 -1.67 10.95 -12.86
CA ARG B 287 -1.79 12.35 -13.27
C ARG B 287 -2.50 13.19 -12.20
N TYR B 288 -3.49 12.60 -11.51
CA TYR B 288 -4.26 13.25 -10.45
C TYR B 288 -3.37 13.56 -9.23
N ASN B 289 -2.66 12.55 -8.70
CA ASN B 289 -1.79 12.76 -7.55
C ASN B 289 -0.67 13.72 -7.87
N HIS B 290 -0.16 13.70 -9.10
CA HIS B 290 0.88 14.60 -9.51
C HIS B 290 0.37 16.03 -9.53
N VAL B 291 -0.85 16.23 -10.08
CA VAL B 291 -1.49 17.54 -10.16
C VAL B 291 -1.74 18.11 -8.76
N CYS B 292 -2.24 17.26 -7.84
CA CYS B 292 -2.49 17.67 -6.45
C CYS B 292 -1.19 18.12 -5.78
N MET B 293 -0.08 17.41 -6.07
CA MET B 293 1.25 17.71 -5.53
C MET B 293 1.78 19.04 -6.03
N VAL B 294 1.51 19.38 -7.29
CA VAL B 294 1.94 20.66 -7.85
C VAL B 294 1.14 21.78 -7.20
N HIS B 295 -0.18 21.61 -7.05
CA HIS B 295 -1.02 22.62 -6.37
C HIS B 295 -0.73 22.72 -4.87
N ARG B 296 -0.16 21.67 -4.27
CA ARG B 296 0.19 21.65 -2.85
C ARG B 296 1.51 22.41 -2.64
N MET B 297 2.50 22.20 -3.52
CA MET B 297 3.79 22.86 -3.39
C MET B 297 3.86 24.26 -4.02
N LEU B 298 3.04 24.55 -5.05
CA LEU B 298 3.11 25.84 -5.74
C LEU B 298 1.87 26.74 -5.58
N GLY B 299 0.76 26.17 -5.17
CA GLY B 299 -0.47 26.94 -5.00
C GLY B 299 -1.30 26.94 -6.26
N VAL B 317 -7.42 19.12 -14.94
CA VAL B 317 -8.48 18.19 -14.55
C VAL B 317 -9.09 17.48 -15.78
N SER B 318 -8.51 16.32 -16.19
CA SER B 318 -9.01 15.61 -17.36
C SER B 318 -9.99 14.46 -17.04
N ASP B 319 -10.90 14.19 -18.00
CA ASP B 319 -11.90 13.13 -17.93
C ASP B 319 -11.82 12.24 -19.18
N ARG B 320 -11.59 12.86 -20.36
CA ARG B 320 -11.47 12.15 -21.64
C ARG B 320 -10.04 11.68 -21.94
N TYR B 321 -9.13 11.68 -20.93
CA TYR B 321 -7.73 11.21 -21.08
C TYR B 321 -7.62 9.65 -21.18
N LYS B 322 -8.76 8.96 -21.28
CA LYS B 322 -8.83 7.51 -21.39
C LYS B 322 -8.71 7.10 -22.86
N VAL B 323 -7.57 6.45 -23.19
CA VAL B 323 -7.26 5.91 -24.53
C VAL B 323 -8.23 4.76 -24.85
N PHE B 324 -8.47 3.90 -23.87
CA PHE B 324 -9.35 2.76 -24.03
C PHE B 324 -10.76 3.03 -23.51
N VAL B 325 -11.32 4.21 -23.85
CA VAL B 325 -12.68 4.64 -23.46
C VAL B 325 -13.73 3.64 -23.93
N ASP B 326 -13.53 3.10 -25.13
CA ASP B 326 -14.41 2.11 -25.76
C ASP B 326 -14.49 0.83 -24.94
N LEU B 327 -13.38 0.37 -24.35
CA LEU B 327 -13.41 -0.83 -23.52
C LEU B 327 -14.24 -0.58 -22.25
N PHE B 328 -14.18 0.64 -21.68
CA PHE B 328 -15.02 0.97 -20.53
C PHE B 328 -16.48 1.01 -20.99
N ASN B 329 -16.73 1.67 -22.12
CA ASN B 329 -18.03 1.83 -22.75
C ASN B 329 -18.78 0.53 -23.01
N LEU B 330 -18.09 -0.48 -23.56
CA LEU B 330 -18.71 -1.76 -23.87
C LEU B 330 -19.11 -2.53 -22.61
N SER B 331 -18.43 -2.29 -21.48
CA SER B 331 -18.77 -2.93 -20.19
C SER B 331 -20.13 -2.40 -19.66
N THR B 332 -20.53 -1.18 -20.05
CA THR B 332 -21.74 -0.49 -19.63
C THR B 332 -23.01 -0.86 -20.43
N TYR B 333 -22.89 -1.63 -21.53
CA TYR B 333 -24.09 -2.02 -22.31
C TYR B 333 -24.80 -3.14 -21.57
N LEU B 334 -25.98 -2.83 -21.05
CA LEU B 334 -26.75 -3.76 -20.25
C LEU B 334 -27.60 -4.77 -21.05
N ILE B 335 -26.97 -5.61 -21.88
CA ILE B 335 -27.66 -6.64 -22.66
C ILE B 335 -27.93 -7.85 -21.77
N PRO B 336 -29.19 -8.37 -21.70
CA PRO B 336 -29.44 -9.53 -20.82
C PRO B 336 -28.72 -10.76 -21.33
N ARG B 337 -28.03 -11.48 -20.43
CA ARG B 337 -27.23 -12.67 -20.76
C ARG B 337 -27.98 -13.72 -21.58
N HIS B 338 -29.31 -13.83 -21.42
CA HIS B 338 -30.08 -14.82 -22.18
C HIS B 338 -30.31 -14.40 -23.66
N TRP B 339 -29.98 -13.15 -24.03
CA TRP B 339 -30.07 -12.71 -25.43
C TRP B 339 -28.76 -12.90 -26.18
N ILE B 340 -27.64 -13.21 -25.48
CA ILE B 340 -26.34 -13.39 -26.13
C ILE B 340 -26.41 -14.62 -27.04
N PRO B 341 -26.06 -14.45 -28.32
CA PRO B 341 -26.13 -15.59 -29.26
C PRO B 341 -25.41 -16.84 -28.77
N LYS B 342 -26.11 -17.99 -28.81
CA LYS B 342 -25.59 -19.27 -28.33
C LYS B 342 -24.47 -19.82 -29.20
N MET B 343 -23.57 -20.59 -28.59
CA MET B 343 -22.43 -21.14 -29.30
C MET B 343 -22.61 -22.56 -29.82
N ASN B 344 -22.64 -22.63 -31.14
CA ASN B 344 -22.76 -23.75 -32.06
C ASN B 344 -21.51 -24.67 -32.02
N PRO B 345 -21.54 -25.89 -32.64
CA PRO B 345 -20.30 -26.68 -32.75
C PRO B 345 -19.37 -26.09 -33.85
N THR B 346 -18.71 -24.97 -33.48
CA THR B 346 -17.77 -24.19 -34.26
C THR B 346 -16.48 -24.23 -33.46
N ILE B 347 -15.52 -24.93 -34.04
CA ILE B 347 -14.23 -25.22 -33.45
C ILE B 347 -13.36 -24.02 -33.15
N HIS B 348 -13.72 -22.80 -33.59
CA HIS B 348 -12.83 -21.66 -33.37
C HIS B 348 -12.65 -21.33 -31.89
N LYS B 349 -13.71 -21.41 -31.08
CA LYS B 349 -13.68 -21.06 -29.66
C LYS B 349 -12.78 -21.94 -28.81
N PHE B 350 -12.36 -23.11 -29.29
CA PHE B 350 -11.53 -24.02 -28.52
CA PHE B 350 -11.49 -23.99 -28.50
C PHE B 350 -10.22 -24.44 -29.25
N LEU B 351 -10.01 -24.00 -30.49
CA LEU B 351 -8.80 -24.37 -31.24
C LEU B 351 -7.92 -23.14 -31.45
N GLU B 352 -6.64 -23.21 -31.05
CA GLU B 352 -5.74 -22.06 -31.17
C GLU B 352 -4.97 -21.99 -32.51
N HIS B 353 -4.24 -20.90 -32.77
CA HIS B 353 -3.44 -20.68 -33.99
C HIS B 353 -1.93 -20.48 -33.67
N HIS B 354 -1.05 -20.49 -34.70
CA HIS B 354 0.39 -20.27 -34.54
C HIS B 354 1.00 -19.65 -35.84
N LEU C 2 -34.46 -0.67 -2.48
CA LEU C 2 -33.90 -1.05 -1.19
C LEU C 2 -32.92 -0.01 -0.67
N ILE C 3 -33.16 0.51 0.54
CA ILE C 3 -32.33 1.51 1.21
C ILE C 3 -30.94 0.97 1.49
N TYR C 4 -29.89 1.79 1.31
CA TYR C 4 -28.49 1.45 1.52
C TYR C 4 -28.23 0.69 2.85
N GLY C 5 -28.68 1.22 3.97
CA GLY C 5 -28.49 0.60 5.28
C GLY C 5 -29.32 -0.64 5.52
N ASN C 6 -30.42 -0.78 4.79
CA ASN C 6 -31.28 -1.93 4.91
C ASN C 6 -30.77 -3.07 4.04
N TYR C 7 -30.21 -2.76 2.85
CA TYR C 7 -29.61 -3.74 1.93
C TYR C 7 -28.34 -4.35 2.57
N LEU C 8 -27.54 -3.47 3.21
CA LEU C 8 -26.31 -3.83 3.91
C LEU C 8 -26.55 -4.37 5.33
N HIS C 9 -27.81 -4.32 5.84
CA HIS C 9 -28.16 -4.78 7.17
C HIS C 9 -27.30 -4.13 8.24
N LEU C 10 -27.13 -2.81 8.11
CA LEU C 10 -26.33 -2.03 9.04
C LEU C 10 -26.90 -2.02 10.46
N GLU C 11 -28.18 -2.38 10.64
CA GLU C 11 -28.79 -2.48 11.97
C GLU C 11 -28.13 -3.60 12.83
N LYS C 12 -27.37 -4.50 12.19
CA LYS C 12 -26.67 -5.56 12.87
C LYS C 12 -25.19 -5.15 12.97
N VAL C 13 -24.57 -4.83 11.84
CA VAL C 13 -23.16 -4.47 11.70
C VAL C 13 -22.77 -3.25 12.54
N LEU C 14 -23.54 -2.18 12.45
CA LEU C 14 -23.26 -0.94 13.18
C LEU C 14 -23.90 -0.85 14.58
N ASN C 15 -24.30 -2.01 15.14
CA ASN C 15 -24.88 -2.14 16.49
C ASN C 15 -24.34 -3.38 17.21
N ALA C 16 -23.10 -3.81 16.89
CA ALA C 16 -22.43 -4.99 17.45
C ALA C 16 -21.13 -4.62 18.17
N GLN C 17 -21.03 -3.38 18.68
CA GLN C 17 -19.82 -2.92 19.35
C GLN C 17 -20.06 -2.71 20.86
N GLU C 18 -19.89 -3.77 21.66
CA GLU C 18 -20.05 -3.67 23.11
C GLU C 18 -18.68 -3.59 23.73
N LEU C 19 -18.27 -2.37 24.15
CA LEU C 19 -16.99 -2.13 24.78
C LEU C 19 -17.04 -2.73 26.16
N GLN C 20 -16.28 -3.81 26.39
CA GLN C 20 -16.22 -4.52 27.67
C GLN C 20 -15.69 -3.66 28.82
N SER C 21 -14.88 -2.64 28.52
CA SER C 21 -14.35 -1.72 29.53
C SER C 21 -15.50 -0.86 30.03
N GLU C 22 -16.28 -0.31 29.11
CA GLU C 22 -17.42 0.53 29.40
C GLU C 22 -18.49 -0.27 30.16
N THR C 23 -18.69 -1.55 29.79
CA THR C 23 -19.63 -2.46 30.41
C THR C 23 -19.23 -2.82 31.85
N LYS C 24 -17.95 -3.12 32.07
CA LYS C 24 -17.48 -3.51 33.39
C LYS C 24 -16.89 -2.38 34.23
N GLY C 25 -17.17 -1.13 33.85
CA GLY C 25 -16.66 0.01 34.60
C GLY C 25 -16.33 1.23 33.77
N ASN C 26 -15.04 1.60 33.70
CA ASN C 26 -14.63 2.78 32.95
C ASN C 26 -14.34 2.51 31.50
N LYS C 27 -14.94 3.32 30.61
CA LYS C 27 -14.75 3.21 29.19
C LYS C 27 -13.32 3.60 28.81
N ILE C 28 -12.68 2.79 27.97
CA ILE C 28 -11.31 3.04 27.47
C ILE C 28 -11.48 3.26 25.97
N HIS C 29 -11.25 4.49 25.51
CA HIS C 29 -11.42 4.88 24.12
C HIS C 29 -10.80 3.92 23.08
N ASP C 30 -9.52 3.55 23.26
CA ASP C 30 -8.83 2.70 22.28
C ASP C 30 -9.46 1.32 22.09
N GLU C 31 -10.25 0.81 23.05
CA GLU C 31 -10.88 -0.50 22.92
C GLU C 31 -11.84 -0.62 21.72
N HIS C 32 -12.38 0.50 21.23
CA HIS C 32 -13.25 0.50 20.05
C HIS C 32 -12.47 0.13 18.79
N LEU C 33 -11.21 0.59 18.69
CA LEU C 33 -10.36 0.27 17.56
C LEU C 33 -10.05 -1.22 17.51
N PHE C 34 -9.86 -1.85 18.68
CA PHE C 34 -9.58 -3.26 18.81
C PHE C 34 -10.79 -4.05 18.32
N ILE C 35 -12.00 -3.64 18.74
CA ILE C 35 -13.23 -4.30 18.30
C ILE C 35 -13.41 -4.19 16.79
N ILE C 36 -13.41 -2.95 16.22
CA ILE C 36 -13.61 -2.73 14.78
C ILE C 36 -12.54 -3.43 13.93
N THR C 37 -11.25 -3.33 14.28
CA THR C 37 -10.19 -4.00 13.49
C THR C 37 -10.44 -5.49 13.33
N HIS C 38 -10.83 -6.18 14.42
CA HIS C 38 -11.10 -7.61 14.35
C HIS C 38 -12.40 -7.92 13.66
N GLN C 39 -13.42 -7.07 13.81
CA GLN C 39 -14.70 -7.28 13.11
C GLN C 39 -14.47 -7.14 11.60
N ALA C 40 -13.61 -6.18 11.18
CA ALA C 40 -13.23 -5.95 9.78
C ALA C 40 -12.45 -7.13 9.24
N TYR C 41 -11.55 -7.74 10.05
CA TYR C 41 -10.81 -8.92 9.65
C TYR C 41 -11.79 -10.06 9.41
N GLU C 42 -12.77 -10.25 10.32
CA GLU C 42 -13.77 -11.30 10.20
C GLU C 42 -14.68 -11.13 8.99
N LEU C 43 -14.98 -9.88 8.57
CA LEU C 43 -15.77 -9.68 7.36
C LEU C 43 -14.98 -10.22 6.13
N TRP C 44 -13.67 -9.91 6.07
CA TRP C 44 -12.85 -10.36 4.97
C TRP C 44 -12.57 -11.83 5.01
N PHE C 45 -12.54 -12.46 6.21
CA PHE C 45 -12.37 -13.91 6.28
C PHE C 45 -13.61 -14.59 5.70
N LYS C 46 -14.82 -14.02 5.91
CA LYS C 46 -16.06 -14.56 5.36
C LYS C 46 -16.04 -14.48 3.84
N GLN C 47 -15.51 -13.37 3.28
CA GLN C 47 -15.41 -13.21 1.83
C GLN C 47 -14.37 -14.15 1.27
N ILE C 48 -13.22 -14.32 1.97
CA ILE C 48 -12.19 -15.27 1.52
C ILE C 48 -12.76 -16.69 1.52
N LEU C 49 -13.55 -17.04 2.54
CA LEU C 49 -14.20 -18.34 2.61
C LEU C 49 -15.25 -18.51 1.51
N TRP C 50 -15.99 -17.45 1.17
CA TRP C 50 -17.00 -17.48 0.12
C TRP C 50 -16.32 -17.77 -1.23
N GLU C 51 -15.14 -17.15 -1.50
CA GLU C 51 -14.43 -17.39 -2.76
C GLU C 51 -13.78 -18.75 -2.81
N LEU C 52 -13.09 -19.13 -1.71
CA LEU C 52 -12.42 -20.42 -1.56
C LEU C 52 -13.38 -21.59 -1.67
N ASP C 53 -14.54 -21.49 -1.02
CA ASP C 53 -15.53 -22.57 -1.07
C ASP C 53 -16.14 -22.71 -2.44
N SER C 54 -16.32 -21.60 -3.17
CA SER C 54 -16.91 -21.64 -4.51
C SER C 54 -15.95 -22.30 -5.49
N VAL C 55 -14.64 -21.99 -5.35
CA VAL C 55 -13.60 -22.57 -6.19
C VAL C 55 -13.45 -24.07 -5.83
N ARG C 56 -13.46 -24.40 -4.52
CA ARG C 56 -13.40 -25.79 -4.08
C ARG C 56 -14.57 -26.61 -4.68
N GLU C 57 -15.77 -26.02 -4.75
CA GLU C 57 -16.95 -26.65 -5.31
C GLU C 57 -16.77 -26.96 -6.78
N ILE C 58 -16.27 -25.99 -7.59
CA ILE C 58 -15.99 -26.19 -9.02
C ILE C 58 -15.10 -27.42 -9.26
N PHE C 59 -14.13 -27.62 -8.35
CA PHE C 59 -13.26 -28.77 -8.41
C PHE C 59 -13.99 -30.09 -8.03
N GLN C 60 -14.58 -30.15 -6.82
CA GLN C 60 -15.30 -31.34 -6.30
C GLN C 60 -16.49 -31.80 -7.21
N ASN C 61 -17.19 -30.84 -7.83
CA ASN C 61 -18.30 -30.99 -8.75
C ASN C 61 -17.91 -31.48 -10.14
N GLY C 62 -16.61 -31.62 -10.41
CA GLY C 62 -16.12 -31.99 -11.74
C GLY C 62 -16.29 -30.91 -12.80
N HIS C 63 -16.64 -29.67 -12.38
CA HIS C 63 -16.81 -28.57 -13.33
C HIS C 63 -15.50 -28.07 -13.91
N VAL C 64 -14.37 -28.32 -13.22
CA VAL C 64 -13.04 -27.98 -13.71
C VAL C 64 -12.67 -28.72 -15.00
N ARG C 65 -13.33 -29.87 -15.27
CA ARG C 65 -13.13 -30.64 -16.50
C ARG C 65 -13.54 -29.79 -17.69
N ASP C 66 -14.68 -29.08 -17.58
CA ASP C 66 -15.10 -28.14 -18.62
C ASP C 66 -14.18 -26.94 -18.41
N GLU C 67 -13.24 -26.75 -19.33
CA GLU C 67 -12.21 -25.72 -19.23
C GLU C 67 -12.71 -24.28 -19.41
N ARG C 68 -13.99 -24.11 -19.79
CA ARG C 68 -14.61 -22.77 -19.87
C ARG C 68 -14.60 -22.06 -18.50
N ASN C 69 -14.50 -22.85 -17.40
CA ASN C 69 -14.49 -22.39 -16.02
C ASN C 69 -13.12 -22.02 -15.50
N MET C 70 -12.05 -22.20 -16.27
CA MET C 70 -10.69 -21.88 -15.81
C MET C 70 -10.47 -20.39 -15.54
N LEU C 71 -11.20 -19.54 -16.26
CA LEU C 71 -11.12 -18.10 -16.09
C LEU C 71 -11.74 -17.75 -14.72
N LYS C 72 -12.90 -18.33 -14.42
CA LYS C 72 -13.64 -18.15 -13.18
C LYS C 72 -12.78 -18.57 -11.99
N VAL C 73 -12.17 -19.79 -12.03
CA VAL C 73 -11.30 -20.31 -10.97
C VAL C 73 -10.11 -19.38 -10.70
N VAL C 74 -9.36 -19.03 -11.76
CA VAL C 74 -8.21 -18.15 -11.66
C VAL C 74 -8.60 -16.76 -11.13
N SER C 75 -9.68 -16.18 -11.65
CA SER C 75 -10.17 -14.87 -11.25
C SER C 75 -10.48 -14.81 -9.77
N ARG C 76 -11.16 -15.84 -9.25
CA ARG C 76 -11.51 -15.91 -7.84
C ARG C 76 -10.31 -16.18 -6.95
N MET C 77 -9.34 -16.96 -7.44
CA MET C 77 -8.12 -17.20 -6.66
C MET C 77 -7.27 -15.93 -6.57
N HIS C 78 -7.29 -15.10 -7.63
CA HIS C 78 -6.57 -13.86 -7.63
C HIS C 78 -7.22 -12.89 -6.65
N ARG C 79 -8.55 -12.86 -6.62
CA ARG C 79 -9.34 -12.04 -5.70
C ARG C 79 -8.97 -12.38 -4.25
N VAL C 80 -8.82 -13.68 -3.92
CA VAL C 80 -8.40 -14.10 -2.58
C VAL C 80 -7.03 -13.49 -2.21
N SER C 81 -6.09 -13.46 -3.16
CA SER C 81 -4.78 -12.86 -2.91
C SER C 81 -4.87 -11.32 -2.74
N VAL C 82 -5.75 -10.65 -3.49
CA VAL C 82 -5.94 -9.20 -3.38
C VAL C 82 -6.48 -8.86 -1.99
N ILE C 83 -7.52 -9.61 -1.52
CA ILE C 83 -8.10 -9.43 -0.19
C ILE C 83 -7.02 -9.68 0.85
N LEU C 84 -6.27 -10.77 0.70
CA LEU C 84 -5.18 -11.07 1.62
C LEU C 84 -4.13 -9.97 1.69
N LYS C 85 -3.84 -9.30 0.56
CA LYS C 85 -2.87 -8.19 0.54
C LYS C 85 -3.35 -7.04 1.41
N LEU C 86 -4.67 -6.77 1.40
CA LEU C 86 -5.27 -5.69 2.20
C LEU C 86 -5.29 -6.06 3.69
N LEU C 87 -5.42 -7.35 4.05
CA LEU C 87 -5.41 -7.74 5.45
C LEU C 87 -4.04 -7.58 6.08
N VAL C 88 -2.96 -7.75 5.28
CA VAL C 88 -1.61 -7.50 5.78
C VAL C 88 -1.41 -5.99 6.01
N GLN C 89 -1.99 -5.14 5.13
CA GLN C 89 -1.97 -3.69 5.22
C GLN C 89 -2.79 -3.21 6.41
N GLN C 90 -3.92 -3.89 6.72
CA GLN C 90 -4.80 -3.55 7.82
C GLN C 90 -4.10 -3.51 9.19
N PHE C 91 -2.92 -4.15 9.31
CA PHE C 91 -2.11 -4.12 10.54
C PHE C 91 -1.58 -2.71 10.85
N SER C 92 -1.56 -1.80 9.87
CA SER C 92 -1.11 -0.43 10.07
C SER C 92 -2.04 0.34 11.00
N ILE C 93 -3.33 -0.07 11.07
CA ILE C 93 -4.33 0.56 11.92
C ILE C 93 -4.12 0.20 13.39
N LEU C 94 -3.75 -1.07 13.67
CA LEU C 94 -3.41 -1.53 15.02
C LEU C 94 -2.13 -0.87 15.52
N GLU C 95 -1.20 -0.53 14.60
CA GLU C 95 0.04 0.18 14.91
C GLU C 95 -0.23 1.54 15.53
N THR C 96 -1.36 2.19 15.19
CA THR C 96 -1.72 3.48 15.77
C THR C 96 -2.07 3.38 17.26
N MET C 97 -2.31 2.17 17.79
CA MET C 97 -2.60 1.98 19.21
C MET C 97 -1.33 1.58 19.90
N THR C 98 -0.85 2.37 20.87
CA THR C 98 0.39 2.03 21.59
C THR C 98 0.15 0.86 22.53
N ALA C 99 1.22 0.13 22.88
CA ALA C 99 1.12 -0.98 23.83
C ALA C 99 0.70 -0.50 25.23
N LEU C 100 1.05 0.75 25.57
CA LEU C 100 0.72 1.35 26.84
C LEU C 100 -0.78 1.58 26.95
N ASP C 101 -1.43 2.02 25.87
CA ASP C 101 -2.89 2.25 25.88
C ASP C 101 -3.67 0.95 25.84
N PHE C 102 -3.10 -0.10 25.22
CA PHE C 102 -3.72 -1.41 25.15
C PHE C 102 -3.87 -2.00 26.57
N ASN C 103 -2.86 -1.77 27.43
CA ASN C 103 -2.83 -2.25 28.80
C ASN C 103 -4.00 -1.71 29.64
N ASP C 104 -4.56 -0.55 29.27
CA ASP C 104 -5.68 0.09 29.94
C ASP C 104 -6.99 -0.71 29.81
N PHE C 105 -7.16 -1.43 28.69
CA PHE C 105 -8.35 -2.27 28.53
C PHE C 105 -8.04 -3.78 28.56
N ARG C 106 -6.76 -4.17 28.75
CA ARG C 106 -6.31 -5.56 28.80
C ARG C 106 -6.95 -6.33 29.97
N GLU C 107 -7.23 -5.65 31.09
CA GLU C 107 -7.86 -6.27 32.26
C GLU C 107 -9.30 -6.75 32.00
N TYR C 108 -10.01 -6.10 31.06
CA TYR C 108 -11.39 -6.46 30.70
C TYR C 108 -11.47 -7.48 29.55
N LEU C 109 -10.35 -8.19 29.26
CA LEU C 109 -10.29 -9.18 28.16
C LEU C 109 -9.88 -10.57 28.69
N PHE C 115 -8.33 -15.78 22.85
CA PHE C 115 -8.78 -15.09 21.64
C PHE C 115 -8.24 -15.75 20.36
N GLN C 116 -9.03 -16.68 19.76
CA GLN C 116 -8.63 -17.36 18.53
C GLN C 116 -9.81 -17.42 17.54
N SER C 117 -9.57 -16.98 16.28
CA SER C 117 -10.56 -16.91 15.20
C SER C 117 -11.00 -18.26 14.67
N LEU C 118 -12.31 -18.47 14.57
CA LEU C 118 -12.84 -19.70 14.00
C LEU C 118 -12.75 -19.66 12.49
N GLN C 119 -13.09 -18.52 11.87
CA GLN C 119 -13.03 -18.37 10.43
C GLN C 119 -11.62 -18.53 9.86
N PHE C 120 -10.58 -18.02 10.56
CA PHE C 120 -9.21 -18.22 10.07
C PHE C 120 -8.82 -19.69 10.16
N ARG C 121 -9.28 -20.40 11.22
CA ARG C 121 -9.03 -21.83 11.40
C ARG C 121 -9.73 -22.61 10.29
N LEU C 122 -10.98 -22.23 9.95
CA LEU C 122 -11.75 -22.87 8.89
C LEU C 122 -11.04 -22.70 7.55
N LEU C 123 -10.54 -21.48 7.28
CA LEU C 123 -9.80 -21.11 6.07
C LEU C 123 -8.51 -21.91 5.93
N GLU C 124 -7.73 -22.02 7.02
CA GLU C 124 -6.49 -22.80 7.02
C GLU C 124 -6.79 -24.27 6.67
N ASN C 125 -7.86 -24.83 7.25
CA ASN C 125 -8.25 -26.20 7.02
C ASN C 125 -8.72 -26.42 5.59
N LYS C 126 -9.49 -25.46 5.04
CA LYS C 126 -10.02 -25.50 3.68
C LYS C 126 -8.95 -25.36 2.61
N ILE C 127 -7.87 -24.63 2.90
CA ILE C 127 -6.75 -24.54 1.98
C ILE C 127 -5.95 -25.86 2.04
N GLY C 128 -5.77 -26.39 3.25
CA GLY C 128 -5.09 -27.66 3.44
C GLY C 128 -3.89 -27.58 4.34
N VAL C 129 -3.94 -26.77 5.40
CA VAL C 129 -2.82 -26.68 6.34
C VAL C 129 -2.88 -27.90 7.27
N LEU C 130 -1.88 -28.77 7.22
CA LEU C 130 -1.86 -30.01 8.00
C LEU C 130 -1.58 -29.77 9.48
N PHE C 146 -13.62 -23.82 20.87
CA PHE C 146 -14.85 -23.85 20.06
C PHE C 146 -15.69 -25.10 20.37
N LYS C 147 -16.99 -24.91 20.59
CA LYS C 147 -17.90 -26.01 20.89
C LYS C 147 -19.32 -25.71 20.38
N GLY C 148 -20.06 -26.76 20.06
CA GLY C 148 -21.43 -26.63 19.57
C GLY C 148 -21.53 -26.58 18.07
N GLU C 149 -22.16 -25.53 17.54
CA GLU C 149 -22.27 -25.35 16.09
C GLU C 149 -20.87 -25.03 15.49
N GLU C 150 -19.98 -24.35 16.26
CA GLU C 150 -18.62 -24.04 15.86
C GLU C 150 -17.82 -25.34 15.72
N ASN C 151 -18.01 -26.28 16.66
CA ASN C 151 -17.30 -27.57 16.66
C ASN C 151 -17.76 -28.46 15.50
N GLU C 152 -19.04 -28.34 15.10
CA GLU C 152 -19.58 -29.11 13.98
C GLU C 152 -19.02 -28.54 12.66
N LEU C 153 -18.98 -27.20 12.54
CA LEU C 153 -18.45 -26.54 11.36
C LEU C 153 -16.95 -26.74 11.19
N LEU C 154 -16.23 -26.84 12.32
CA LEU C 154 -14.78 -27.09 12.30
C LEU C 154 -14.51 -28.53 11.87
N LEU C 155 -15.37 -29.49 12.30
CA LEU C 155 -15.26 -30.89 11.95
C LEU C 155 -15.45 -31.06 10.44
N LYS C 156 -16.41 -30.32 9.85
CA LYS C 156 -16.68 -30.36 8.41
C LYS C 156 -15.48 -29.85 7.60
N SER C 157 -14.76 -28.83 8.10
CA SER C 157 -13.58 -28.25 7.43
C SER C 157 -12.45 -29.28 7.34
N GLU C 158 -12.26 -30.06 8.41
CA GLU C 158 -11.24 -31.09 8.51
C GLU C 158 -11.61 -32.34 7.73
N GLN C 159 -12.91 -32.68 7.72
CA GLN C 159 -13.37 -33.86 7.01
C GLN C 159 -13.34 -33.66 5.48
N GLU C 160 -14.08 -32.66 4.97
CA GLU C 160 -14.16 -32.36 3.54
C GLU C 160 -12.83 -32.17 2.83
N LYS C 161 -12.81 -32.48 1.51
CA LYS C 161 -11.64 -32.36 0.65
C LYS C 161 -11.10 -30.93 0.65
N THR C 162 -9.81 -30.79 0.98
CA THR C 162 -9.13 -29.51 1.01
C THR C 162 -8.85 -29.03 -0.41
N LEU C 163 -8.52 -27.75 -0.59
CA LEU C 163 -8.19 -27.21 -1.92
C LEU C 163 -6.93 -27.91 -2.46
N LEU C 164 -5.98 -28.28 -1.58
CA LEU C 164 -4.79 -29.03 -2.01
C LEU C 164 -5.18 -30.40 -2.61
N GLU C 165 -6.10 -31.14 -1.97
CA GLU C 165 -6.53 -32.47 -2.44
C GLU C 165 -7.21 -32.40 -3.81
N LEU C 166 -8.05 -31.36 -4.01
CA LEU C 166 -8.80 -31.14 -5.23
C LEU C 166 -7.88 -30.75 -6.39
N VAL C 167 -6.90 -29.87 -6.11
CA VAL C 167 -5.88 -29.43 -7.06
C VAL C 167 -4.97 -30.62 -7.41
N GLU C 168 -4.65 -31.49 -6.42
CA GLU C 168 -3.81 -32.66 -6.59
C GLU C 168 -4.44 -33.63 -7.57
N ALA C 169 -5.73 -33.92 -7.40
CA ALA C 169 -6.45 -34.83 -8.30
C ALA C 169 -6.49 -34.31 -9.73
N TRP C 170 -6.66 -32.99 -9.87
CA TRP C 170 -6.72 -32.29 -11.15
C TRP C 170 -5.37 -32.28 -11.85
N LEU C 171 -4.28 -32.12 -11.07
CA LEU C 171 -2.93 -32.14 -11.60
C LEU C 171 -2.53 -33.51 -12.17
N GLU C 172 -3.14 -34.60 -11.64
CA GLU C 172 -2.88 -35.96 -12.09
C GLU C 172 -3.44 -36.21 -13.50
N ARG C 173 -4.49 -35.44 -13.90
CA ARG C 173 -5.14 -35.52 -15.22
C ARG C 173 -4.49 -34.62 -16.28
N THR C 174 -3.35 -33.98 -15.97
CA THR C 174 -2.67 -33.08 -16.90
C THR C 174 -2.29 -33.79 -18.21
N PRO C 175 -2.67 -33.21 -19.35
CA PRO C 175 -2.30 -33.82 -20.63
C PRO C 175 -0.78 -33.83 -20.84
N GLY C 176 -0.29 -34.82 -21.58
CA GLY C 176 1.13 -34.94 -21.87
C GLY C 176 1.90 -35.87 -20.93
N LEU C 177 1.28 -36.24 -19.81
CA LEU C 177 1.91 -37.09 -18.82
C LEU C 177 2.06 -38.53 -19.29
N GLU C 178 0.96 -39.06 -19.90
CA GLU C 178 0.79 -40.43 -20.37
C GLU C 178 2.01 -40.98 -21.13
N PRO C 179 2.55 -42.11 -20.63
CA PRO C 179 3.76 -42.69 -21.27
C PRO C 179 3.53 -43.17 -22.70
N HIS C 180 2.31 -43.66 -22.99
CA HIS C 180 1.94 -44.08 -24.33
C HIS C 180 1.77 -42.88 -25.31
N GLY C 181 1.44 -41.71 -24.77
CA GLY C 181 1.26 -40.49 -25.54
C GLY C 181 2.53 -39.67 -25.62
N PHE C 182 2.52 -38.48 -25.00
CA PHE C 182 3.67 -37.58 -25.04
C PHE C 182 4.87 -38.07 -24.22
N ASN C 183 4.61 -38.79 -23.12
CA ASN C 183 5.65 -39.29 -22.19
C ASN C 183 6.64 -38.21 -21.79
N PHE C 184 6.14 -37.20 -21.06
CA PHE C 184 6.93 -36.07 -20.61
C PHE C 184 8.06 -36.51 -19.70
N TRP C 185 7.77 -37.36 -18.70
CA TRP C 185 8.77 -37.78 -17.72
C TRP C 185 9.92 -38.60 -18.32
N GLY C 186 9.61 -39.42 -19.31
CA GLY C 186 10.61 -40.23 -19.99
C GLY C 186 11.55 -39.39 -20.82
N LYS C 187 10.97 -38.45 -21.60
CA LYS C 187 11.72 -37.52 -22.44
C LYS C 187 12.61 -36.64 -21.54
N LEU C 188 12.02 -36.04 -20.48
CA LEU C 188 12.70 -35.15 -19.54
C LEU C 188 13.91 -35.83 -18.89
N GLU C 189 13.73 -37.07 -18.41
CA GLU C 189 14.82 -37.81 -17.77
C GLU C 189 15.95 -38.07 -18.75
N LYS C 190 15.60 -38.46 -19.98
CA LYS C 190 16.58 -38.72 -21.02
C LYS C 190 17.41 -37.44 -21.32
N ASN C 191 16.72 -36.32 -21.52
CA ASN C 191 17.32 -35.02 -21.84
C ASN C 191 18.25 -34.51 -20.73
N ILE C 192 17.82 -34.67 -19.47
CA ILE C 192 18.61 -34.22 -18.34
C ILE C 192 19.86 -35.06 -18.21
N THR C 193 19.71 -36.40 -18.31
CA THR C 193 20.81 -37.34 -18.20
C THR C 193 21.89 -37.05 -19.22
N ARG C 194 21.50 -36.87 -20.49
CA ARG C 194 22.43 -36.59 -21.59
C ARG C 194 23.05 -35.20 -21.48
N GLY C 195 22.28 -34.24 -21.00
CA GLY C 195 22.76 -32.88 -20.83
C GLY C 195 23.81 -32.78 -19.74
N LEU C 196 23.60 -33.51 -18.64
CA LEU C 196 24.55 -33.55 -17.52
C LEU C 196 25.86 -34.27 -17.91
N GLU C 197 25.77 -35.25 -18.84
CA GLU C 197 26.93 -35.96 -19.34
C GLU C 197 27.85 -34.98 -20.09
N GLU C 198 27.30 -34.23 -21.09
CA GLU C 198 28.10 -33.27 -21.85
C GLU C 198 28.56 -32.08 -21.01
N GLU C 199 27.81 -31.73 -19.96
CA GLU C 199 28.21 -30.65 -19.06
C GLU C 199 29.41 -31.12 -18.24
N PHE C 200 29.40 -32.38 -17.78
CA PHE C 200 30.51 -32.97 -17.03
C PHE C 200 31.77 -32.99 -17.88
N ILE C 201 31.62 -33.38 -19.16
CA ILE C 201 32.75 -33.44 -20.08
C ILE C 201 33.34 -32.06 -20.28
N ARG C 202 32.48 -31.03 -20.50
CA ARG C 202 32.88 -29.64 -20.69
C ARG C 202 33.74 -29.16 -19.51
N ILE C 203 33.31 -29.51 -18.28
CA ILE C 203 34.01 -29.15 -17.05
C ILE C 203 35.41 -29.76 -17.02
N GLN C 204 35.54 -31.01 -17.46
CA GLN C 204 36.84 -31.67 -17.51
C GLN C 204 37.71 -31.18 -18.67
N ALA C 205 38.44 -30.09 -18.44
CA ALA C 205 39.33 -29.48 -19.43
C ALA C 205 40.44 -28.66 -18.75
N GLU C 213 37.79 -26.16 -10.54
CA GLU C 213 37.75 -26.87 -9.27
C GLU C 213 36.43 -26.59 -8.53
N GLU C 214 36.00 -25.33 -8.55
CA GLU C 214 34.73 -24.92 -7.93
C GLU C 214 33.55 -25.37 -8.80
N GLN C 215 33.76 -25.44 -10.15
CA GLN C 215 32.76 -25.89 -11.11
C GLN C 215 32.54 -27.38 -10.97
N VAL C 216 33.60 -28.18 -10.72
CA VAL C 216 33.48 -29.62 -10.53
C VAL C 216 32.70 -29.93 -9.25
N ALA C 217 32.93 -29.14 -8.19
CA ALA C 217 32.24 -29.30 -6.92
C ALA C 217 30.74 -28.92 -7.05
N GLU C 218 30.46 -27.78 -7.72
CA GLU C 218 29.10 -27.30 -7.94
C GLU C 218 28.33 -28.22 -8.92
N PHE C 219 29.04 -28.95 -9.79
CA PHE C 219 28.39 -29.87 -10.71
C PHE C 219 27.88 -31.07 -9.93
N GLN C 220 28.74 -31.70 -9.08
CA GLN C 220 28.35 -32.87 -8.30
C GLN C 220 27.13 -32.58 -7.42
N LYS C 221 26.97 -31.31 -6.95
CA LYS C 221 25.84 -30.89 -6.15
C LYS C 221 24.60 -30.64 -7.02
N GLN C 222 24.78 -30.02 -8.21
CA GLN C 222 23.70 -29.73 -9.15
C GLN C 222 23.09 -31.02 -9.72
N LYS C 223 23.95 -32.00 -10.08
CA LYS C 223 23.56 -33.29 -10.63
C LYS C 223 22.71 -34.09 -9.63
N GLU C 224 23.09 -34.06 -8.34
CA GLU C 224 22.37 -34.76 -7.28
C GLU C 224 20.96 -34.21 -7.13
N VAL C 225 20.79 -32.90 -7.28
CA VAL C 225 19.49 -32.23 -7.17
C VAL C 225 18.59 -32.59 -8.34
N LEU C 226 19.06 -32.42 -9.59
CA LEU C 226 18.25 -32.71 -10.79
C LEU C 226 17.87 -34.17 -10.90
N LEU C 227 18.81 -35.09 -10.62
CA LEU C 227 18.51 -36.51 -10.73
C LEU C 227 17.55 -37.03 -9.66
N SER C 228 17.56 -36.38 -8.48
CA SER C 228 16.65 -36.73 -7.39
C SER C 228 15.18 -36.56 -7.78
N LEU C 229 14.88 -35.70 -8.78
CA LEU C 229 13.53 -35.48 -9.28
C LEU C 229 12.90 -36.77 -9.83
N PHE C 230 13.71 -37.67 -10.35
CA PHE C 230 13.21 -38.91 -10.93
C PHE C 230 13.18 -40.10 -9.95
N ASP C 231 13.45 -39.84 -8.65
CA ASP C 231 13.45 -40.85 -7.60
C ASP C 231 12.07 -40.87 -6.94
N GLU C 232 11.18 -41.73 -7.45
CA GLU C 232 9.81 -41.84 -6.96
C GLU C 232 9.79 -42.34 -5.51
N LYS C 233 10.72 -43.24 -5.16
CA LYS C 233 10.82 -43.80 -3.80
C LYS C 233 11.20 -42.73 -2.78
N ARG C 234 12.03 -41.75 -3.18
CA ARG C 234 12.44 -40.66 -2.30
C ARG C 234 11.25 -39.73 -2.03
N HIS C 235 10.47 -39.43 -3.09
CA HIS C 235 9.31 -38.58 -2.98
C HIS C 235 8.25 -39.21 -2.09
N GLU C 236 8.03 -40.54 -2.24
CA GLU C 236 7.05 -41.27 -1.43
C GLU C 236 7.42 -41.25 0.06
N HIS C 237 8.72 -41.30 0.35
CA HIS C 237 9.23 -41.27 1.70
C HIS C 237 9.08 -39.88 2.31
N LEU C 238 9.40 -38.82 1.54
CA LEU C 238 9.28 -37.44 2.01
C LEU C 238 7.85 -37.02 2.27
N LEU C 239 6.89 -37.60 1.53
CA LEU C 239 5.47 -37.34 1.71
C LEU C 239 5.05 -37.82 3.11
N SER C 240 5.54 -39.02 3.50
CA SER C 240 5.29 -39.67 4.80
C SER C 240 5.89 -38.86 5.95
N LYS C 241 7.04 -38.23 5.74
CA LYS C 241 7.68 -37.40 6.77
C LYS C 241 7.09 -35.97 6.87
N GLY C 242 6.02 -35.70 6.13
CA GLY C 242 5.37 -34.40 6.12
C GLY C 242 6.09 -33.32 5.32
N GLU C 243 7.19 -33.69 4.64
CA GLU C 243 8.01 -32.75 3.86
C GLU C 243 7.47 -32.48 2.44
N ARG C 244 6.62 -33.37 1.91
CA ARG C 244 5.98 -33.20 0.61
C ARG C 244 4.46 -33.32 0.77
N ARG C 245 3.69 -32.75 -0.15
CA ARG C 245 2.23 -32.78 -0.06
C ARG C 245 1.57 -33.44 -1.28
N LEU C 246 2.02 -33.09 -2.48
CA LEU C 246 1.43 -33.63 -3.71
C LEU C 246 1.94 -35.01 -4.07
N SER C 247 1.09 -35.83 -4.69
CA SER C 247 1.46 -37.17 -5.17
C SER C 247 2.45 -37.05 -6.33
N TYR C 248 3.24 -38.10 -6.59
CA TYR C 248 4.23 -38.08 -7.67
C TYR C 248 3.64 -37.71 -9.04
N ARG C 249 2.42 -38.19 -9.36
CA ARG C 249 1.77 -37.88 -10.63
C ARG C 249 1.30 -36.42 -10.68
N ALA C 250 0.80 -35.87 -9.55
CA ALA C 250 0.39 -34.47 -9.46
C ALA C 250 1.61 -33.55 -9.56
N LEU C 251 2.76 -34.01 -9.04
CA LEU C 251 4.03 -33.31 -9.09
C LEU C 251 4.56 -33.30 -10.53
N GLN C 252 4.39 -34.41 -11.26
CA GLN C 252 4.81 -34.49 -12.66
C GLN C 252 3.95 -33.56 -13.51
N GLY C 253 2.63 -33.55 -13.24
CA GLY C 253 1.66 -32.74 -13.96
C GLY C 253 1.90 -31.25 -13.76
N ALA C 254 2.29 -30.85 -12.54
CA ALA C 254 2.57 -29.45 -12.26
C ALA C 254 3.78 -28.98 -13.04
N LEU C 255 4.81 -29.84 -13.15
CA LEU C 255 6.01 -29.51 -13.91
C LEU C 255 5.74 -29.40 -15.43
N MET C 256 4.75 -30.16 -15.93
CA MET C 256 4.32 -30.11 -17.32
C MET C 256 3.72 -28.73 -17.61
N ILE C 257 2.87 -28.23 -16.71
CA ILE C 257 2.28 -26.90 -16.84
C ILE C 257 3.37 -25.81 -16.76
N TYR C 258 4.37 -26.02 -15.90
CA TYR C 258 5.48 -25.10 -15.73
C TYR C 258 6.30 -24.90 -17.00
N PHE C 259 6.70 -26.01 -17.65
CA PHE C 259 7.56 -25.93 -18.81
C PHE C 259 6.84 -25.50 -20.07
N TYR C 260 5.61 -25.97 -20.22
CA TYR C 260 4.82 -25.64 -21.40
C TYR C 260 3.76 -24.59 -21.15
N ARG C 261 4.06 -23.64 -20.24
CA ARG C 261 3.15 -22.57 -19.87
C ARG C 261 2.78 -21.64 -21.02
N GLU C 262 3.67 -21.47 -22.01
CA GLU C 262 3.37 -20.60 -23.13
C GLU C 262 2.35 -21.25 -24.08
N GLU C 263 2.26 -22.59 -24.11
CA GLU C 263 1.30 -23.30 -24.95
C GLU C 263 -0.13 -22.98 -24.49
N PRO C 264 -0.99 -22.54 -25.42
CA PRO C 264 -2.34 -22.07 -25.04
C PRO C 264 -3.07 -22.84 -23.92
N ARG C 265 -3.12 -24.16 -24.03
CA ARG C 265 -3.82 -25.00 -23.07
C ARG C 265 -3.33 -24.80 -21.63
N PHE C 266 -2.05 -24.47 -21.45
CA PHE C 266 -1.48 -24.31 -20.11
C PHE C 266 -1.28 -22.88 -19.65
N GLN C 267 -1.69 -21.88 -20.46
CA GLN C 267 -1.51 -20.47 -20.09
C GLN C 267 -2.28 -20.13 -18.82
N VAL C 268 -3.60 -20.37 -18.79
CA VAL C 268 -4.43 -20.11 -17.62
C VAL C 268 -4.11 -21.09 -16.44
N PRO C 269 -3.94 -22.42 -16.63
CA PRO C 269 -3.52 -23.27 -15.50
C PRO C 269 -2.22 -22.80 -14.84
N PHE C 270 -1.29 -22.19 -15.61
CA PHE C 270 -0.04 -21.68 -15.03
C PHE C 270 -0.35 -20.52 -14.07
N GLN C 271 -1.31 -19.66 -14.44
CA GLN C 271 -1.76 -18.56 -13.61
C GLN C 271 -2.38 -19.10 -12.31
N LEU C 272 -3.10 -20.23 -12.38
CA LEU C 272 -3.70 -20.88 -11.21
C LEU C 272 -2.61 -21.36 -10.23
N LEU C 273 -1.57 -22.06 -10.72
CA LEU C 273 -0.46 -22.53 -9.89
C LEU C 273 0.26 -21.36 -9.27
N THR C 274 0.48 -20.29 -10.05
CA THR C 274 1.13 -19.04 -9.64
C THR C 274 0.36 -18.44 -8.44
N SER C 275 -0.97 -18.40 -8.57
CA SER C 275 -1.87 -17.85 -7.58
C SER C 275 -1.89 -18.66 -6.30
N LEU C 276 -1.80 -19.99 -6.42
CA LEU C 276 -1.79 -20.87 -5.24
C LEU C 276 -0.52 -20.62 -4.42
N MET C 277 0.60 -20.32 -5.08
CA MET C 277 1.83 -20.01 -4.38
C MET C 277 1.74 -18.61 -3.75
N ASP C 278 1.16 -17.64 -4.49
CA ASP C 278 0.99 -16.27 -4.00
C ASP C 278 0.14 -16.25 -2.74
N ILE C 279 -0.97 -17.02 -2.72
CA ILE C 279 -1.86 -17.12 -1.56
C ILE C 279 -1.11 -17.70 -0.36
N ASP C 280 -0.27 -18.69 -0.60
CA ASP C 280 0.55 -19.30 0.44
C ASP C 280 1.55 -18.32 1.07
N SER C 281 2.13 -17.42 0.25
CA SER C 281 3.08 -16.42 0.73
C SER C 281 2.34 -15.39 1.59
N LEU C 282 1.14 -14.98 1.16
CA LEU C 282 0.31 -14.01 1.86
C LEU C 282 -0.26 -14.56 3.15
N MET C 283 -0.66 -15.84 3.17
CA MET C 283 -1.16 -16.48 4.39
C MET C 283 -0.07 -16.48 5.47
N THR C 284 1.20 -16.68 5.08
CA THR C 284 2.33 -16.69 5.98
C THR C 284 2.69 -15.27 6.43
N LYS C 285 2.67 -14.31 5.51
CA LYS C 285 2.93 -12.91 5.85
C LYS C 285 1.87 -12.40 6.83
N TRP C 286 0.61 -12.89 6.74
CA TRP C 286 -0.43 -12.48 7.67
C TRP C 286 -0.15 -13.09 9.03
N ARG C 287 0.19 -14.39 9.07
CA ARG C 287 0.51 -15.07 10.34
C ARG C 287 1.69 -14.39 11.04
N TYR C 288 2.67 -13.90 10.26
CA TYR C 288 3.86 -13.21 10.77
C TYR C 288 3.48 -11.87 11.41
N ASN C 289 2.76 -11.00 10.69
CA ASN C 289 2.36 -9.70 11.22
C ASN C 289 1.48 -9.85 12.43
N HIS C 290 0.62 -10.88 12.46
CA HIS C 290 -0.25 -11.12 13.59
C HIS C 290 0.59 -11.51 14.80
N VAL C 291 1.59 -12.37 14.62
CA VAL C 291 2.48 -12.83 15.69
C VAL C 291 3.29 -11.65 16.26
N CYS C 292 3.83 -10.79 15.38
CA CYS C 292 4.59 -9.60 15.78
C CYS C 292 3.70 -8.67 16.61
N MET C 293 2.41 -8.54 16.24
CA MET C 293 1.43 -7.70 16.94
C MET C 293 1.12 -8.22 18.32
N VAL C 294 1.09 -9.54 18.49
CA VAL C 294 0.84 -10.12 19.80
C VAL C 294 2.03 -9.88 20.71
N HIS C 295 3.25 -10.08 20.18
CA HIS C 295 4.46 -9.81 20.96
C HIS C 295 4.69 -8.30 21.22
N ARG C 296 4.05 -7.43 20.43
CA ARG C 296 4.14 -5.98 20.60
C ARG C 296 3.18 -5.52 21.71
N MET C 297 1.96 -6.10 21.75
CA MET C 297 0.97 -5.74 22.77
C MET C 297 1.11 -6.49 24.09
N LEU C 298 1.72 -7.68 24.07
CA LEU C 298 1.87 -8.49 25.28
C LEU C 298 3.32 -8.73 25.73
N ASP C 319 8.39 -22.99 6.89
CA ASP C 319 8.20 -23.76 5.66
C ASP C 319 7.05 -24.76 5.79
N ARG C 320 6.89 -25.37 6.99
CA ARG C 320 5.84 -26.37 7.24
C ARG C 320 4.43 -25.83 7.03
N TYR C 321 4.24 -24.51 7.24
CA TYR C 321 2.93 -23.87 7.03
C TYR C 321 2.58 -23.66 5.53
N LYS C 322 3.51 -23.98 4.60
CA LYS C 322 3.23 -23.85 3.18
C LYS C 322 2.57 -25.13 2.63
N VAL C 323 1.30 -25.04 2.24
CA VAL C 323 0.49 -26.13 1.68
C VAL C 323 1.02 -26.49 0.28
N PHE C 324 1.32 -25.47 -0.50
CA PHE C 324 1.81 -25.65 -1.86
C PHE C 324 3.34 -25.56 -1.93
N VAL C 325 4.04 -26.23 -0.97
CA VAL C 325 5.51 -26.31 -0.92
C VAL C 325 6.07 -26.86 -2.23
N ASP C 326 5.37 -27.84 -2.82
CA ASP C 326 5.78 -28.50 -4.04
C ASP C 326 5.80 -27.55 -5.22
N LEU C 327 4.84 -26.61 -5.29
CA LEU C 327 4.85 -25.63 -6.38
C LEU C 327 6.05 -24.68 -6.25
N PHE C 328 6.47 -24.35 -5.03
CA PHE C 328 7.67 -23.53 -4.83
C PHE C 328 8.89 -24.38 -5.23
N ASN C 329 8.92 -25.64 -4.77
CA ASN C 329 9.97 -26.61 -5.02
C ASN C 329 10.28 -26.82 -6.49
N LEU C 330 9.25 -26.97 -7.34
CA LEU C 330 9.43 -27.19 -8.78
C LEU C 330 10.01 -25.98 -9.48
N SER C 331 9.74 -24.76 -8.96
CA SER C 331 10.30 -23.53 -9.52
C SER C 331 11.83 -23.44 -9.27
N THR C 332 12.33 -24.10 -8.21
CA THR C 332 13.74 -24.09 -7.79
C THR C 332 14.65 -25.08 -8.52
N TYR C 333 14.10 -25.96 -9.40
CA TYR C 333 14.95 -26.89 -10.17
C TYR C 333 15.50 -26.11 -11.38
N LEU C 334 16.81 -25.80 -11.36
CA LEU C 334 17.44 -24.96 -12.38
C LEU C 334 17.76 -25.68 -13.70
N ILE C 335 16.70 -26.13 -14.43
CA ILE C 335 16.86 -26.82 -15.71
C ILE C 335 17.01 -25.82 -16.86
N PRO C 336 18.07 -25.94 -17.67
CA PRO C 336 18.25 -25.01 -18.80
C PRO C 336 17.18 -25.23 -19.86
N ARG C 337 16.63 -24.12 -20.37
CA ARG C 337 15.55 -24.12 -21.35
C ARG C 337 15.83 -24.97 -22.59
N HIS C 338 17.11 -25.12 -22.99
CA HIS C 338 17.43 -25.93 -24.17
C HIS C 338 17.33 -27.45 -23.90
N TRP C 339 17.19 -27.86 -22.63
CA TRP C 339 17.00 -29.28 -22.30
C TRP C 339 15.49 -29.65 -22.24
N ILE C 340 14.57 -28.67 -22.31
CA ILE C 340 13.13 -28.96 -22.24
C ILE C 340 12.71 -29.68 -23.50
N PRO C 341 12.08 -30.87 -23.37
CA PRO C 341 11.66 -31.63 -24.56
C PRO C 341 10.79 -30.82 -25.52
N LYS C 342 11.13 -30.83 -26.81
CA LYS C 342 10.43 -30.06 -27.83
C LYS C 342 9.02 -30.53 -28.13
N MET C 343 8.16 -29.61 -28.57
CA MET C 343 6.76 -29.92 -28.85
C MET C 343 6.47 -29.94 -30.34
N ASN C 344 6.05 -31.09 -30.90
CA ASN C 344 5.66 -31.14 -32.32
C ASN C 344 4.24 -30.56 -32.44
N PRO C 345 3.99 -29.66 -33.39
CA PRO C 345 2.66 -29.05 -33.47
C PRO C 345 1.56 -29.92 -34.10
N THR C 346 1.51 -31.20 -33.70
CA THR C 346 0.54 -32.23 -34.05
C THR C 346 0.23 -32.86 -32.67
N ILE C 347 -0.28 -32.04 -31.70
CA ILE C 347 -0.49 -32.39 -30.29
C ILE C 347 -1.68 -31.59 -29.58
N HIS C 348 -2.10 -32.05 -28.37
CA HIS C 348 -3.13 -31.59 -27.41
C HIS C 348 -3.00 -30.15 -26.88
N LYS C 349 -1.80 -29.56 -26.96
CA LYS C 349 -1.45 -28.26 -26.41
C LYS C 349 -2.27 -27.07 -26.93
N PHE C 350 -3.08 -27.26 -27.98
CA PHE C 350 -3.87 -26.16 -28.53
C PHE C 350 -5.34 -26.48 -28.74
N LEU C 351 -5.79 -27.68 -28.34
CA LEU C 351 -7.21 -28.05 -28.46
C LEU C 351 -7.77 -28.21 -27.05
N GLU C 352 -8.82 -27.47 -26.69
CA GLU C 352 -9.42 -27.52 -25.36
C GLU C 352 -10.51 -28.59 -25.22
N HIS C 353 -11.01 -28.83 -23.99
CA HIS C 353 -12.05 -29.82 -23.71
C HIS C 353 -13.26 -29.27 -22.93
N LEU D 2 -13.64 -13.78 27.99
CA LEU D 2 -14.78 -13.66 27.06
C LEU D 2 -14.46 -14.34 25.74
N ILE D 3 -15.44 -15.07 25.18
CA ILE D 3 -15.30 -15.81 23.93
C ILE D 3 -15.10 -14.84 22.77
N TYR D 4 -14.15 -15.14 21.86
CA TYR D 4 -13.80 -14.31 20.72
C TYR D 4 -15.02 -13.80 19.90
N GLY D 5 -15.88 -14.72 19.48
CA GLY D 5 -17.06 -14.36 18.70
C GLY D 5 -18.13 -13.65 19.48
N ASN D 6 -18.15 -13.85 20.80
CA ASN D 6 -19.14 -13.22 21.66
C ASN D 6 -18.72 -11.81 22.05
N TYR D 7 -17.40 -11.59 22.24
CA TYR D 7 -16.81 -10.28 22.54
C TYR D 7 -17.00 -9.36 21.32
N LEU D 8 -16.73 -9.90 20.11
CA LEU D 8 -16.85 -9.21 18.84
C LEU D 8 -18.28 -9.15 18.29
N HIS D 9 -19.24 -9.85 18.93
CA HIS D 9 -20.64 -9.93 18.52
C HIS D 9 -20.76 -10.35 17.07
N LEU D 10 -20.02 -11.41 16.72
CA LEU D 10 -20.01 -11.98 15.37
C LEU D 10 -21.38 -12.54 14.96
N GLU D 11 -22.26 -12.83 15.92
CA GLU D 11 -23.62 -13.30 15.62
C GLU D 11 -24.44 -12.21 14.86
N LYS D 12 -23.97 -10.95 14.85
CA LYS D 12 -24.63 -9.86 14.15
C LYS D 12 -23.84 -9.59 12.86
N VAL D 13 -22.53 -9.36 12.99
CA VAL D 13 -21.62 -9.05 11.89
C VAL D 13 -21.58 -10.15 10.82
N LEU D 14 -21.40 -11.40 11.24
CA LEU D 14 -21.29 -12.54 10.33
C LEU D 14 -22.64 -13.21 9.98
N ASN D 15 -23.77 -12.49 10.23
CA ASN D 15 -25.14 -12.93 9.93
C ASN D 15 -25.98 -11.79 9.33
N ALA D 16 -25.34 -10.83 8.65
CA ALA D 16 -25.97 -9.67 8.04
C ALA D 16 -25.78 -9.61 6.52
N GLN D 17 -25.59 -10.77 5.88
CA GLN D 17 -25.36 -10.83 4.44
C GLN D 17 -26.53 -11.46 3.67
N GLU D 18 -27.50 -10.63 3.27
CA GLU D 18 -28.66 -11.09 2.50
C GLU D 18 -28.43 -10.70 1.07
N LEU D 19 -28.06 -11.68 0.23
CA LEU D 19 -27.84 -11.43 -1.18
C LEU D 19 -29.20 -11.21 -1.83
N GLN D 20 -29.45 -9.98 -2.29
CA GLN D 20 -30.72 -9.59 -2.91
C GLN D 20 -31.01 -10.32 -4.20
N SER D 21 -29.97 -10.78 -4.92
CA SER D 21 -30.14 -11.53 -6.15
C SER D 21 -30.69 -12.91 -5.79
N GLU D 22 -30.10 -13.55 -4.79
CA GLU D 22 -30.53 -14.85 -4.31
C GLU D 22 -31.95 -14.80 -3.75
N THR D 23 -32.29 -13.71 -3.05
CA THR D 23 -33.60 -13.47 -2.45
C THR D 23 -34.66 -13.25 -3.53
N LYS D 24 -34.37 -12.44 -4.55
CA LYS D 24 -35.36 -12.14 -5.58
C LYS D 24 -35.27 -13.01 -6.84
N GLY D 25 -34.54 -14.11 -6.78
CA GLY D 25 -34.40 -14.99 -7.93
C GLY D 25 -33.11 -15.77 -7.98
N ASN D 26 -32.30 -15.52 -9.02
CA ASN D 26 -31.06 -16.26 -9.19
C ASN D 26 -29.89 -15.60 -8.46
N LYS D 27 -29.15 -16.39 -7.66
CA LYS D 27 -28.00 -15.94 -6.90
C LYS D 27 -26.87 -15.56 -7.84
N ILE D 28 -26.24 -14.40 -7.62
CA ILE D 28 -25.10 -13.95 -8.40
C ILE D 28 -23.92 -13.88 -7.43
N HIS D 29 -22.94 -14.78 -7.58
CA HIS D 29 -21.76 -14.91 -6.72
C HIS D 29 -21.05 -13.58 -6.34
N ASP D 30 -20.76 -12.74 -7.33
CA ASP D 30 -20.03 -11.50 -7.07
C ASP D 30 -20.77 -10.53 -6.14
N GLU D 31 -22.11 -10.64 -5.99
CA GLU D 31 -22.87 -9.74 -5.12
C GLU D 31 -22.44 -9.80 -3.63
N HIS D 32 -21.84 -10.91 -3.20
CA HIS D 32 -21.35 -11.05 -1.83
C HIS D 32 -20.18 -10.09 -1.59
N LEU D 33 -19.31 -9.91 -2.59
CA LEU D 33 -18.17 -9.00 -2.49
C LEU D 33 -18.65 -7.55 -2.34
N PHE D 34 -19.73 -7.20 -3.05
CA PHE D 34 -20.34 -5.88 -3.02
C PHE D 34 -20.85 -5.62 -1.60
N ILE D 35 -21.56 -6.60 -1.02
CA ILE D 35 -22.07 -6.45 0.33
C ILE D 35 -20.92 -6.30 1.36
N ILE D 36 -19.96 -7.24 1.41
CA ILE D 36 -18.87 -7.22 2.38
C ILE D 36 -18.00 -5.96 2.24
N THR D 37 -17.61 -5.56 1.01
CA THR D 37 -16.77 -4.37 0.84
C THR D 37 -17.40 -3.12 1.43
N HIS D 38 -18.73 -2.93 1.27
CA HIS D 38 -19.44 -1.78 1.83
C HIS D 38 -19.64 -1.92 3.33
N GLN D 39 -19.87 -3.14 3.82
CA GLN D 39 -19.99 -3.36 5.28
C GLN D 39 -18.66 -3.03 5.97
N ALA D 40 -17.53 -3.39 5.32
CA ALA D 40 -16.18 -3.11 5.81
C ALA D 40 -15.91 -1.61 5.78
N TYR D 41 -16.40 -0.89 4.76
CA TYR D 41 -16.26 0.57 4.70
C TYR D 41 -17.03 1.20 5.86
N GLU D 42 -18.26 0.72 6.13
CA GLU D 42 -19.09 1.22 7.20
C GLU D 42 -18.51 0.96 8.58
N LEU D 43 -17.78 -0.15 8.78
CA LEU D 43 -17.11 -0.38 10.06
C LEU D 43 -16.04 0.68 10.29
N TRP D 44 -15.27 1.01 9.24
CA TRP D 44 -14.22 2.02 9.36
C TRP D 44 -14.77 3.42 9.45
N PHE D 45 -15.97 3.69 8.90
CA PHE D 45 -16.58 5.01 9.06
C PHE D 45 -17.00 5.19 10.51
N LYS D 46 -17.48 4.12 11.18
CA LYS D 46 -17.85 4.19 12.59
C LYS D 46 -16.62 4.48 13.44
N GLN D 47 -15.48 3.88 13.11
CA GLN D 47 -14.25 4.13 13.85
C GLN D 47 -13.75 5.52 13.58
N ILE D 48 -13.84 6.03 12.33
CA ILE D 48 -13.43 7.40 12.02
C ILE D 48 -14.32 8.38 12.79
N LEU D 49 -15.63 8.11 12.88
CA LEU D 49 -16.55 8.94 13.65
C LEU D 49 -16.25 8.87 15.14
N TRP D 50 -15.84 7.71 15.66
CA TRP D 50 -15.50 7.54 17.07
C TRP D 50 -14.28 8.38 17.41
N GLU D 51 -13.27 8.44 16.51
CA GLU D 51 -12.07 9.25 16.77
C GLU D 51 -12.37 10.72 16.60
N LEU D 52 -13.06 11.09 15.52
CA LEU D 52 -13.42 12.48 15.23
C LEU D 52 -14.28 13.08 16.32
N ASP D 53 -15.30 12.33 16.80
CA ASP D 53 -16.19 12.86 17.84
C ASP D 53 -15.46 13.02 19.16
N SER D 54 -14.49 12.15 19.45
CA SER D 54 -13.71 12.22 20.69
C SER D 54 -12.80 13.44 20.67
N VAL D 55 -12.17 13.72 19.51
CA VAL D 55 -11.31 14.89 19.33
C VAL D 55 -12.17 16.16 19.36
N ARG D 56 -13.35 16.15 18.71
CA ARG D 56 -14.28 17.27 18.73
C ARG D 56 -14.67 17.60 20.17
N GLU D 57 -14.91 16.57 20.99
CA GLU D 57 -15.25 16.75 22.41
C GLU D 57 -14.15 17.41 23.20
N ILE D 58 -12.89 16.97 23.04
CA ILE D 58 -11.73 17.59 23.71
C ILE D 58 -11.66 19.10 23.43
N PHE D 59 -12.04 19.50 22.21
CA PHE D 59 -12.06 20.90 21.83
C PHE D 59 -13.25 21.65 22.50
N GLN D 60 -14.50 21.17 22.27
CA GLN D 60 -15.74 21.77 22.78
C GLN D 60 -15.77 21.87 24.31
N ASN D 61 -15.27 20.84 25.02
CA ASN D 61 -15.29 20.84 26.47
C ASN D 61 -14.05 21.52 27.10
N GLY D 62 -13.34 22.35 26.33
CA GLY D 62 -12.20 23.12 26.79
C GLY D 62 -10.98 22.34 27.25
N HIS D 63 -10.91 21.04 26.99
CA HIS D 63 -9.76 20.24 27.39
C HIS D 63 -8.51 20.50 26.57
N VAL D 64 -8.66 21.04 25.35
CA VAL D 64 -7.50 21.44 24.53
C VAL D 64 -6.67 22.55 25.19
N ARG D 65 -7.29 23.32 26.12
CA ARG D 65 -6.60 24.38 26.85
C ARG D 65 -5.49 23.75 27.69
N ASP D 66 -5.77 22.58 28.33
CA ASP D 66 -4.74 21.82 29.04
C ASP D 66 -3.95 21.15 27.92
N GLU D 67 -2.73 21.65 27.68
CA GLU D 67 -1.88 21.21 26.59
C GLU D 67 -1.29 19.80 26.75
N ARG D 68 -1.50 19.15 27.91
CA ARG D 68 -1.10 17.76 28.12
C ARG D 68 -1.88 16.81 27.14
N ASN D 69 -3.04 17.27 26.63
CA ASN D 69 -3.89 16.54 25.70
C ASN D 69 -3.53 16.72 24.23
N MET D 70 -2.54 17.55 23.90
CA MET D 70 -2.16 17.77 22.51
C MET D 70 -1.62 16.52 21.82
N LEU D 71 -0.99 15.63 22.59
CA LEU D 71 -0.47 14.37 22.05
C LEU D 71 -1.66 13.49 21.68
N LYS D 72 -2.65 13.39 22.58
CA LYS D 72 -3.87 12.62 22.38
C LYS D 72 -4.61 13.09 21.14
N VAL D 73 -4.84 14.42 20.98
CA VAL D 73 -5.52 15.01 19.81
C VAL D 73 -4.78 14.66 18.51
N VAL D 74 -3.48 14.95 18.45
CA VAL D 74 -2.65 14.67 17.29
C VAL D 74 -2.62 13.16 16.97
N SER D 75 -2.45 12.30 17.97
CA SER D 75 -2.40 10.86 17.81
C SER D 75 -3.67 10.32 17.17
N ARG D 76 -4.83 10.80 17.63
CA ARG D 76 -6.13 10.38 17.11
C ARG D 76 -6.39 10.94 15.73
N MET D 77 -5.89 12.15 15.44
CA MET D 77 -6.03 12.72 14.10
C MET D 77 -5.17 11.97 13.09
N HIS D 78 -4.00 11.48 13.55
CA HIS D 78 -3.13 10.69 12.72
C HIS D 78 -3.80 9.35 12.42
N ARG D 79 -4.43 8.74 13.42
CA ARG D 79 -5.16 7.48 13.27
C ARG D 79 -6.25 7.60 12.22
N VAL D 80 -7.00 8.72 12.21
CA VAL D 80 -8.03 8.97 11.19
C VAL D 80 -7.38 8.97 9.77
N SER D 81 -6.18 9.56 9.61
CA SER D 81 -5.50 9.55 8.31
C SER D 81 -5.03 8.15 7.91
N VAL D 82 -4.56 7.34 8.88
CA VAL D 82 -4.13 5.97 8.64
C VAL D 82 -5.29 5.12 8.16
N ILE D 83 -6.46 5.23 8.83
CA ILE D 83 -7.68 4.50 8.46
C ILE D 83 -8.09 4.94 7.08
N LEU D 84 -8.10 6.26 6.85
CA LEU D 84 -8.45 6.80 5.53
C LEU D 84 -7.52 6.29 4.43
N LYS D 85 -6.22 6.09 4.70
CA LYS D 85 -5.28 5.55 3.71
C LYS D 85 -5.65 4.12 3.31
N LEU D 86 -6.12 3.32 4.29
CA LEU D 86 -6.55 1.93 4.02
C LEU D 86 -7.87 1.87 3.25
N LEU D 87 -8.76 2.86 3.45
CA LEU D 87 -10.02 2.88 2.71
C LEU D 87 -9.79 3.18 1.22
N VAL D 88 -8.78 4.00 0.91
CA VAL D 88 -8.42 4.28 -0.47
C VAL D 88 -7.86 3.00 -1.13
N GLN D 89 -7.07 2.22 -0.36
CA GLN D 89 -6.50 0.93 -0.79
C GLN D 89 -7.58 -0.13 -0.96
N GLN D 90 -8.64 -0.09 -0.12
CA GLN D 90 -9.75 -1.05 -0.17
C GLN D 90 -10.48 -1.07 -1.52
N PHE D 91 -10.29 -0.02 -2.34
CA PHE D 91 -10.89 0.04 -3.68
C PHE D 91 -10.26 -1.00 -4.64
N SER D 92 -9.09 -1.56 -4.30
CA SER D 92 -8.45 -2.59 -5.10
C SER D 92 -9.27 -3.90 -5.12
N ILE D 93 -10.09 -4.13 -4.08
CA ILE D 93 -10.94 -5.29 -3.94
C ILE D 93 -12.17 -5.20 -4.86
N LEU D 94 -12.76 -4.00 -5.03
CA LEU D 94 -13.87 -3.77 -5.98
C LEU D 94 -13.36 -3.96 -7.42
N GLU D 95 -12.08 -3.62 -7.68
CA GLU D 95 -11.43 -3.78 -8.98
C GLU D 95 -11.45 -5.22 -9.45
N THR D 96 -11.43 -6.19 -8.49
CA THR D 96 -11.47 -7.61 -8.84
C THR D 96 -12.83 -8.04 -9.46
N MET D 97 -13.87 -7.20 -9.34
CA MET D 97 -15.17 -7.51 -9.90
C MET D 97 -15.30 -6.75 -11.21
N THR D 98 -15.51 -7.46 -12.33
CA THR D 98 -15.65 -6.78 -13.62
C THR D 98 -16.99 -6.05 -13.70
N ALA D 99 -17.08 -5.01 -14.53
CA ALA D 99 -18.33 -4.28 -14.73
C ALA D 99 -19.38 -5.17 -15.39
N LEU D 100 -18.96 -6.18 -16.19
CA LEU D 100 -19.84 -7.13 -16.85
C LEU D 100 -20.54 -8.01 -15.80
N ASP D 101 -19.81 -8.46 -14.78
CA ASP D 101 -20.39 -9.31 -13.74
C ASP D 101 -21.29 -8.50 -12.79
N PHE D 102 -20.97 -7.22 -12.59
CA PHE D 102 -21.78 -6.33 -11.76
C PHE D 102 -23.19 -6.18 -12.36
N ASN D 103 -23.29 -6.09 -13.69
CA ASN D 103 -24.54 -5.95 -14.41
C ASN D 103 -25.51 -7.12 -14.17
N ASP D 104 -24.97 -8.29 -13.78
CA ASP D 104 -25.78 -9.49 -13.50
C ASP D 104 -26.61 -9.33 -12.21
N PHE D 105 -26.12 -8.54 -11.24
CA PHE D 105 -26.90 -8.29 -10.02
C PHE D 105 -27.41 -6.84 -9.90
N ARG D 106 -27.15 -6.00 -10.91
CA ARG D 106 -27.56 -4.59 -10.96
C ARG D 106 -29.07 -4.43 -10.93
N GLU D 107 -29.80 -5.37 -11.54
CA GLU D 107 -31.28 -5.32 -11.58
C GLU D 107 -31.93 -5.45 -10.20
N TYR D 108 -31.28 -6.17 -9.27
CA TYR D 108 -31.77 -6.38 -7.90
C TYR D 108 -31.32 -5.28 -6.92
N LEU D 109 -30.85 -4.13 -7.43
CA LEU D 109 -30.36 -3.05 -6.57
C LEU D 109 -31.17 -1.76 -6.71
N SER D 110 -31.11 -0.93 -5.65
CA SER D 110 -31.77 0.36 -5.51
C SER D 110 -31.21 1.43 -6.48
N PRO D 111 -31.96 2.52 -6.77
CA PRO D 111 -31.41 3.57 -7.65
C PRO D 111 -30.23 4.33 -6.99
N ALA D 112 -29.63 5.30 -7.70
CA ALA D 112 -28.54 6.10 -7.14
C ALA D 112 -28.96 6.79 -5.81
N SER D 113 -30.27 7.09 -5.67
CA SER D 113 -30.86 7.70 -4.48
C SER D 113 -30.86 6.72 -3.29
N GLY D 114 -31.28 5.48 -3.54
CA GLY D 114 -31.33 4.44 -2.52
C GLY D 114 -29.96 4.08 -1.97
N PHE D 115 -28.92 4.24 -2.80
CA PHE D 115 -27.54 3.94 -2.42
C PHE D 115 -26.71 5.18 -1.99
N GLN D 116 -26.77 5.55 -0.71
CA GLN D 116 -26.04 6.70 -0.15
C GLN D 116 -25.74 6.43 1.34
N SER D 117 -24.47 6.58 1.75
CA SER D 117 -24.01 6.32 3.13
C SER D 117 -24.39 7.42 4.10
N LEU D 118 -25.01 7.05 5.25
CA LEU D 118 -25.35 8.05 6.25
C LEU D 118 -24.11 8.43 7.03
N GLN D 119 -23.29 7.43 7.42
CA GLN D 119 -22.07 7.66 8.18
C GLN D 119 -21.09 8.55 7.45
N PHE D 120 -20.92 8.40 6.13
CA PHE D 120 -20.00 9.28 5.40
C PHE D 120 -20.54 10.69 5.38
N ARG D 121 -21.87 10.86 5.27
CA ARG D 121 -22.50 12.17 5.29
C ARG D 121 -22.32 12.82 6.67
N LEU D 122 -22.47 12.04 7.74
CA LEU D 122 -22.30 12.51 9.11
C LEU D 122 -20.85 12.97 9.31
N LEU D 123 -19.87 12.18 8.80
CA LEU D 123 -18.44 12.46 8.88
C LEU D 123 -18.07 13.76 8.15
N GLU D 124 -18.61 13.96 6.93
CA GLU D 124 -18.36 15.17 6.15
C GLU D 124 -18.86 16.39 6.93
N ASN D 125 -20.05 16.29 7.52
CA ASN D 125 -20.65 17.36 8.29
C ASN D 125 -19.86 17.67 9.56
N LYS D 126 -19.38 16.63 10.25
CA LYS D 126 -18.60 16.74 11.48
C LYS D 126 -17.21 17.33 11.26
N ILE D 127 -16.62 17.11 10.09
CA ILE D 127 -15.35 17.73 9.75
C ILE D 127 -15.59 19.21 9.38
N GLY D 128 -16.67 19.47 8.66
CA GLY D 128 -17.04 20.84 8.32
C GLY D 128 -17.20 21.12 6.84
N VAL D 129 -17.66 20.13 6.06
CA VAL D 129 -17.88 20.34 4.63
C VAL D 129 -19.20 21.11 4.45
N LEU D 130 -19.13 22.33 3.86
CA LEU D 130 -20.27 23.23 3.64
C LEU D 130 -21.58 22.53 3.22
N ASN D 145 -32.84 11.12 1.31
CA ASN D 145 -33.04 9.67 1.24
C ASN D 145 -33.29 9.06 2.62
N PHE D 146 -32.59 9.59 3.64
CA PHE D 146 -32.66 9.14 5.05
C PHE D 146 -33.82 9.80 5.76
N LYS D 147 -34.53 9.05 6.62
CA LYS D 147 -35.65 9.61 7.36
C LYS D 147 -35.81 8.92 8.73
N GLY D 148 -36.37 9.65 9.68
CA GLY D 148 -36.61 9.13 11.01
C GLY D 148 -35.50 9.42 11.99
N GLU D 149 -34.93 8.38 12.60
CA GLU D 149 -33.79 8.53 13.52
C GLU D 149 -32.53 8.98 12.74
N GLU D 150 -32.40 8.54 11.47
CA GLU D 150 -31.31 8.90 10.58
C GLU D 150 -31.37 10.41 10.28
N ASN D 151 -32.59 10.93 10.04
CA ASN D 151 -32.81 12.34 9.73
C ASN D 151 -32.56 13.24 10.96
N GLU D 152 -32.82 12.73 12.16
CA GLU D 152 -32.57 13.46 13.40
C GLU D 152 -31.08 13.51 13.68
N LEU D 153 -30.37 12.39 13.46
CA LEU D 153 -28.92 12.31 13.64
C LEU D 153 -28.17 13.16 12.61
N LEU D 154 -28.73 13.30 11.40
CA LEU D 154 -28.14 14.12 10.35
C LEU D 154 -28.31 15.61 10.69
N LEU D 155 -29.47 15.98 11.27
CA LEU D 155 -29.76 17.36 11.70
C LEU D 155 -28.76 17.79 12.79
N LYS D 156 -28.47 16.88 13.74
CA LYS D 156 -27.51 17.12 14.82
C LYS D 156 -26.10 17.36 14.29
N SER D 157 -25.69 16.64 13.22
CA SER D 157 -24.36 16.78 12.62
C SER D 157 -24.17 18.18 12.03
N GLU D 158 -25.22 18.71 11.39
CA GLU D 158 -25.23 20.02 10.76
C GLU D 158 -25.34 21.13 11.80
N GLN D 159 -26.12 20.90 12.86
CA GLN D 159 -26.30 21.90 13.90
C GLN D 159 -25.06 22.06 14.81
N GLU D 160 -24.60 20.97 15.45
CA GLU D 160 -23.43 21.00 16.34
C GLU D 160 -22.15 21.55 15.71
N LYS D 161 -21.26 22.11 16.56
CA LYS D 161 -19.99 22.69 16.13
C LYS D 161 -19.12 21.69 15.36
N THR D 162 -18.73 22.07 14.16
CA THR D 162 -17.88 21.24 13.30
C THR D 162 -16.44 21.27 13.84
N LEU D 163 -15.59 20.34 13.38
CA LEU D 163 -14.17 20.32 13.76
C LEU D 163 -13.49 21.60 13.28
N LEU D 164 -13.90 22.15 12.13
CA LEU D 164 -13.38 23.42 11.62
C LEU D 164 -13.69 24.57 12.61
N GLU D 165 -14.93 24.67 13.12
CA GLU D 165 -15.33 25.74 14.06
C GLU D 165 -14.56 25.67 15.37
N LEU D 166 -14.31 24.45 15.86
CA LEU D 166 -13.59 24.20 17.12
C LEU D 166 -12.10 24.54 16.96
N VAL D 167 -11.50 24.15 15.83
CA VAL D 167 -10.11 24.47 15.52
C VAL D 167 -9.96 25.98 15.30
N GLU D 168 -10.96 26.64 14.66
CA GLU D 168 -11.00 28.07 14.40
C GLU D 168 -10.96 28.85 15.70
N ALA D 169 -11.80 28.48 16.68
CA ALA D 169 -11.85 29.17 17.97
C ALA D 169 -10.52 29.03 18.72
N TRP D 170 -9.90 27.85 18.61
CA TRP D 170 -8.63 27.52 19.26
C TRP D 170 -7.47 28.29 18.63
N LEU D 171 -7.53 28.47 17.30
CA LEU D 171 -6.52 29.22 16.56
C LEU D 171 -6.54 30.72 16.91
N GLU D 172 -7.71 31.25 17.31
CA GLU D 172 -7.87 32.66 17.71
C GLU D 172 -7.15 32.98 19.04
N ARG D 173 -6.97 31.95 19.90
CA ARG D 173 -6.29 32.07 21.19
C ARG D 173 -4.77 31.89 21.12
N THR D 174 -4.21 31.60 19.93
CA THR D 174 -2.77 31.37 19.74
C THR D 174 -1.89 32.45 20.39
N PRO D 175 -0.93 32.04 21.24
CA PRO D 175 -0.05 33.01 21.88
C PRO D 175 0.77 33.79 20.85
N GLY D 176 1.10 35.04 21.17
CA GLY D 176 1.87 35.90 20.28
C GLY D 176 1.04 36.78 19.38
N LEU D 177 -0.27 36.52 19.27
CA LEU D 177 -1.15 37.30 18.42
C LEU D 177 -1.45 38.68 18.98
N GLU D 178 -1.67 38.76 20.30
CA GLU D 178 -2.06 39.95 21.07
C GLU D 178 -1.25 41.19 20.70
N PRO D 179 -1.94 42.27 20.30
CA PRO D 179 -1.23 43.50 19.88
C PRO D 179 -0.43 44.17 20.99
N HIS D 180 -0.95 44.11 22.21
CA HIS D 180 -0.27 44.66 23.38
C HIS D 180 0.94 43.77 23.83
N GLY D 181 0.96 42.51 23.42
CA GLY D 181 2.04 41.61 23.75
C GLY D 181 3.05 41.52 22.63
N PHE D 182 3.17 40.34 22.00
CA PHE D 182 4.12 40.11 20.91
C PHE D 182 3.77 40.86 19.64
N ASN D 183 2.47 41.06 19.36
CA ASN D 183 1.96 41.72 18.15
C ASN D 183 2.59 41.16 16.88
N PHE D 184 2.31 39.87 16.59
CA PHE D 184 2.84 39.18 15.43
C PHE D 184 2.43 39.85 14.13
N TRP D 185 1.14 40.17 13.95
CA TRP D 185 0.66 40.77 12.71
C TRP D 185 1.23 42.13 12.42
N GLY D 186 1.42 42.94 13.46
CA GLY D 186 2.00 44.26 13.34
C GLY D 186 3.46 44.21 12.94
N LYS D 187 4.23 43.32 13.61
CA LYS D 187 5.64 43.07 13.33
C LYS D 187 5.78 42.56 11.91
N LEU D 188 5.02 41.51 11.54
CA LEU D 188 5.05 40.88 10.24
C LEU D 188 4.83 41.88 9.12
N GLU D 189 3.79 42.71 9.24
CA GLU D 189 3.46 43.72 8.23
C GLU D 189 4.60 44.73 8.10
N LYS D 190 5.15 45.17 9.24
CA LYS D 190 6.23 46.13 9.26
C LYS D 190 7.46 45.55 8.58
N ASN D 191 7.84 44.31 8.93
CA ASN D 191 9.01 43.61 8.39
C ASN D 191 8.91 43.38 6.90
N ILE D 192 7.72 43.02 6.41
CA ILE D 192 7.51 42.78 5.00
C ILE D 192 7.65 44.10 4.25
N THR D 193 7.01 45.16 4.76
CA THR D 193 7.04 46.49 4.15
C THR D 193 8.47 47.03 4.04
N ARG D 194 9.25 46.91 5.12
CA ARG D 194 10.63 47.37 5.16
C ARG D 194 11.59 46.49 4.34
N GLY D 195 11.28 45.22 4.25
CA GLY D 195 12.09 44.29 3.46
C GLY D 195 11.91 44.56 1.98
N LEU D 196 10.67 44.87 1.57
CA LEU D 196 10.33 45.19 0.19
C LEU D 196 10.96 46.53 -0.22
N GLU D 197 11.17 47.46 0.74
CA GLU D 197 11.82 48.75 0.50
C GLU D 197 13.28 48.51 0.06
N GLU D 198 14.07 47.74 0.86
CA GLU D 198 15.46 47.43 0.57
C GLU D 198 15.64 46.57 -0.70
N GLU D 199 14.65 45.72 -0.97
CA GLU D 199 14.68 44.88 -2.17
C GLU D 199 14.46 45.77 -3.40
N PHE D 200 13.53 46.73 -3.30
CA PHE D 200 13.23 47.66 -4.37
C PHE D 200 14.46 48.53 -4.65
N ILE D 201 15.18 48.97 -3.60
CA ILE D 201 16.38 49.79 -3.75
C ILE D 201 17.44 49.04 -4.54
N ARG D 202 17.71 47.78 -4.16
CA ARG D 202 18.69 46.93 -4.85
C ARG D 202 18.36 46.82 -6.34
N ILE D 203 17.06 46.61 -6.66
CA ILE D 203 16.57 46.50 -8.03
C ILE D 203 16.79 47.80 -8.82
N GLN D 204 16.59 48.97 -8.19
CA GLN D 204 16.80 50.24 -8.86
C GLN D 204 18.28 50.58 -9.01
N ALA D 205 18.93 50.01 -10.05
CA ALA D 205 20.35 50.22 -10.36
C ALA D 205 20.65 49.86 -11.82
N GLU D 211 16.49 45.27 -20.00
CA GLU D 211 17.43 45.35 -18.87
C GLU D 211 16.84 44.51 -17.70
N LYS D 212 16.85 45.03 -16.44
CA LYS D 212 16.26 44.36 -15.28
C LYS D 212 14.73 44.57 -15.28
N GLU D 213 14.13 44.55 -16.46
CA GLU D 213 12.70 44.70 -16.68
C GLU D 213 11.94 43.52 -16.10
N GLU D 214 12.52 42.32 -16.13
CA GLU D 214 11.91 41.12 -15.56
C GLU D 214 11.95 41.18 -14.02
N GLN D 215 13.00 41.82 -13.43
CA GLN D 215 13.16 41.97 -11.99
C GLN D 215 12.14 42.97 -11.43
N VAL D 216 11.95 44.09 -12.12
CA VAL D 216 10.99 45.09 -11.67
C VAL D 216 9.53 44.59 -11.81
N ALA D 217 9.27 43.75 -12.83
CA ALA D 217 7.95 43.16 -13.02
C ALA D 217 7.69 42.09 -11.97
N GLU D 218 8.69 41.24 -11.66
CA GLU D 218 8.57 40.21 -10.63
C GLU D 218 8.47 40.80 -9.22
N PHE D 219 9.00 42.02 -9.01
CA PHE D 219 8.89 42.69 -7.72
C PHE D 219 7.45 43.15 -7.51
N GLN D 220 6.87 43.86 -8.48
CA GLN D 220 5.50 44.34 -8.37
C GLN D 220 4.50 43.20 -8.17
N LYS D 221 4.82 41.99 -8.67
CA LYS D 221 3.96 40.81 -8.52
C LYS D 221 4.15 40.20 -7.14
N GLN D 222 5.40 40.15 -6.64
CA GLN D 222 5.74 39.60 -5.33
C GLN D 222 5.12 40.46 -4.22
N LYS D 223 5.23 41.78 -4.36
CA LYS D 223 4.72 42.78 -3.41
C LYS D 223 3.22 42.66 -3.26
N GLU D 224 2.50 42.48 -4.38
CA GLU D 224 1.04 42.35 -4.39
C GLU D 224 0.58 41.12 -3.62
N VAL D 225 1.32 40.02 -3.73
CA VAL D 225 1.02 38.76 -3.05
C VAL D 225 1.19 38.86 -1.54
N LEU D 226 2.37 39.31 -1.09
CA LEU D 226 2.66 39.45 0.34
C LEU D 226 1.74 40.43 1.03
N LEU D 227 1.50 41.61 0.40
CA LEU D 227 0.68 42.65 1.03
C LEU D 227 -0.80 42.29 1.07
N SER D 228 -1.28 41.42 0.15
CA SER D 228 -2.68 40.95 0.13
C SER D 228 -3.10 40.28 1.44
N LEU D 229 -2.12 39.68 2.14
CA LEU D 229 -2.32 39.00 3.40
C LEU D 229 -2.83 39.93 4.50
N PHE D 230 -2.48 41.23 4.42
CA PHE D 230 -2.90 42.19 5.45
C PHE D 230 -4.20 42.92 5.11
N ASP D 231 -4.90 42.49 4.04
CA ASP D 231 -6.17 43.06 3.61
C ASP D 231 -7.32 42.29 4.27
N GLU D 232 -7.74 42.74 5.47
CA GLU D 232 -8.81 42.10 6.22
C GLU D 232 -10.13 42.17 5.49
N LYS D 233 -10.39 43.28 4.77
CA LYS D 233 -11.63 43.46 4.00
C LYS D 233 -11.72 42.46 2.83
N ARG D 234 -10.59 42.12 2.22
CA ARG D 234 -10.56 41.14 1.12
C ARG D 234 -10.85 39.74 1.65
N HIS D 235 -10.29 39.41 2.84
CA HIS D 235 -10.51 38.12 3.49
C HIS D 235 -11.98 37.97 3.89
N GLU D 236 -12.60 39.05 4.38
CA GLU D 236 -14.02 39.03 4.76
C GLU D 236 -14.93 38.81 3.56
N HIS D 237 -14.55 39.35 2.41
CA HIS D 237 -15.30 39.18 1.19
C HIS D 237 -15.15 37.74 0.65
N LEU D 238 -13.92 37.18 0.69
CA LEU D 238 -13.67 35.82 0.22
C LEU D 238 -14.37 34.76 1.07
N LEU D 239 -14.55 35.04 2.37
CA LEU D 239 -15.26 34.16 3.29
C LEU D 239 -16.71 34.02 2.83
N SER D 240 -17.34 35.17 2.46
CA SER D 240 -18.72 35.26 1.98
C SER D 240 -18.92 34.54 0.65
N LYS D 241 -17.90 34.56 -0.23
CA LYS D 241 -17.96 33.85 -1.51
C LYS D 241 -17.65 32.34 -1.40
N GLY D 242 -17.50 31.83 -0.18
CA GLY D 242 -17.19 30.42 0.07
C GLY D 242 -15.75 30.01 -0.21
N GLU D 243 -14.88 30.99 -0.53
CA GLU D 243 -13.47 30.74 -0.87
C GLU D 243 -12.54 30.64 0.36
N ARG D 244 -12.98 31.19 1.51
CA ARG D 244 -12.24 31.12 2.77
C ARG D 244 -13.15 30.54 3.85
N ARG D 245 -12.59 29.94 4.89
CA ARG D 245 -13.39 29.34 5.95
C ARG D 245 -13.06 29.90 7.33
N LEU D 246 -11.77 30.09 7.63
CA LEU D 246 -11.32 30.57 8.92
C LEU D 246 -11.46 32.06 9.07
N SER D 247 -11.75 32.53 10.28
CA SER D 247 -11.83 33.96 10.59
C SER D 247 -10.44 34.60 10.47
N TYR D 248 -10.38 35.91 10.26
CA TYR D 248 -9.09 36.61 10.14
C TYR D 248 -8.14 36.36 11.33
N ARG D 249 -8.66 36.29 12.57
CA ARG D 249 -7.84 36.04 13.76
C ARG D 249 -7.34 34.58 13.80
N ALA D 250 -8.18 33.62 13.36
CA ALA D 250 -7.77 32.22 13.30
C ALA D 250 -6.73 32.01 12.19
N LEU D 251 -6.83 32.80 11.11
CA LEU D 251 -5.89 32.80 9.99
C LEU D 251 -4.53 33.34 10.45
N GLN D 252 -4.55 34.38 11.28
CA GLN D 252 -3.34 34.96 11.84
C GLN D 252 -2.66 33.95 12.78
N GLY D 253 -3.46 33.29 13.60
CA GLY D 253 -2.96 32.31 14.56
C GLY D 253 -2.35 31.08 13.90
N ALA D 254 -2.93 30.64 12.77
CA ALA D 254 -2.40 29.50 12.03
C ALA D 254 -1.03 29.83 11.46
N LEU D 255 -0.86 31.06 10.94
CA LEU D 255 0.42 31.52 10.40
C LEU D 255 1.49 31.66 11.50
N MET D 256 1.08 31.98 12.73
CA MET D 256 1.97 32.08 13.89
C MET D 256 2.55 30.70 14.17
N ILE D 257 1.71 29.67 14.16
CA ILE D 257 2.17 28.29 14.38
C ILE D 257 3.10 27.83 13.23
N TYR D 258 2.81 28.29 12.01
CA TYR D 258 3.60 27.96 10.83
C TYR D 258 5.01 28.48 10.92
N PHE D 259 5.19 29.77 11.24
CA PHE D 259 6.51 30.39 11.27
C PHE D 259 7.34 29.98 12.46
N TYR D 260 6.70 29.85 13.62
CA TYR D 260 7.41 29.49 14.83
C TYR D 260 7.22 28.01 15.21
N ARG D 261 7.09 27.13 14.21
CA ARG D 261 6.86 25.71 14.40
C ARG D 261 7.97 25.00 15.14
N GLU D 262 9.21 25.49 15.01
CA GLU D 262 10.32 24.85 15.70
C GLU D 262 10.31 25.17 17.20
N GLU D 263 9.70 26.30 17.61
CA GLU D 263 9.61 26.67 19.04
C GLU D 263 8.76 25.65 19.78
N PRO D 264 9.30 25.08 20.89
CA PRO D 264 8.62 23.98 21.58
C PRO D 264 7.10 24.07 21.69
N ARG D 265 6.57 25.22 22.12
CA ARG D 265 5.13 25.41 22.29
C ARG D 265 4.32 25.12 21.02
N PHE D 266 4.89 25.38 19.83
CA PHE D 266 4.20 25.17 18.57
C PHE D 266 4.57 23.91 17.81
N GLN D 267 5.46 23.06 18.34
CA GLN D 267 5.88 21.83 17.67
C GLN D 267 4.71 20.86 17.44
N VAL D 268 3.99 20.47 18.51
CA VAL D 268 2.84 19.58 18.39
C VAL D 268 1.64 20.29 17.68
N PRO D 269 1.28 21.57 17.99
CA PRO D 269 0.21 22.22 17.20
C PRO D 269 0.50 22.24 15.70
N PHE D 270 1.79 22.34 15.29
CA PHE D 270 2.14 22.29 13.86
C PHE D 270 1.76 20.93 13.24
N GLN D 271 2.00 19.84 13.99
CA GLN D 271 1.64 18.50 13.57
C GLN D 271 0.13 18.38 13.44
N LEU D 272 -0.64 19.03 14.33
CA LEU D 272 -2.11 19.04 14.26
C LEU D 272 -2.62 19.71 12.97
N LEU D 273 -2.06 20.90 12.61
CA LEU D 273 -2.43 21.61 11.38
C LEU D 273 -2.07 20.77 10.18
N THR D 274 -0.90 20.12 10.21
CA THR D 274 -0.39 19.26 9.16
C THR D 274 -1.37 18.10 8.92
N SER D 275 -1.86 17.50 10.03
CA SER D 275 -2.78 16.37 10.03
C SER D 275 -4.16 16.77 9.50
N LEU D 276 -4.63 17.98 9.83
CA LEU D 276 -5.92 18.47 9.33
C LEU D 276 -5.88 18.62 7.82
N MET D 277 -4.73 19.03 7.26
CA MET D 277 -4.57 19.15 5.82
C MET D 277 -4.49 17.75 5.19
N ASP D 278 -3.75 16.83 5.83
CA ASP D 278 -3.62 15.47 5.33
C ASP D 278 -4.94 14.76 5.26
N ILE D 279 -5.79 14.93 6.30
CA ILE D 279 -7.12 14.33 6.35
C ILE D 279 -8.00 14.89 5.21
N ASP D 280 -7.87 16.18 4.93
CA ASP D 280 -8.59 16.83 3.85
C ASP D 280 -8.21 16.27 2.45
N SER D 281 -6.92 15.93 2.26
CA SER D 281 -6.44 15.37 1.00
C SER D 281 -7.00 13.97 0.82
N LEU D 282 -6.99 13.17 1.91
CA LEU D 282 -7.48 11.80 1.92
C LEU D 282 -8.99 11.72 1.74
N MET D 283 -9.75 12.65 2.33
CA MET D 283 -11.20 12.68 2.18
C MET D 283 -11.56 12.90 0.70
N THR D 284 -10.79 13.72 -0.01
CA THR D 284 -11.00 13.99 -1.42
C THR D 284 -10.56 12.81 -2.30
N LYS D 285 -9.41 12.20 -1.97
CA LYS D 285 -8.92 11.02 -2.70
C LYS D 285 -9.91 9.86 -2.55
N TRP D 286 -10.61 9.76 -1.41
CA TRP D 286 -11.60 8.70 -1.24
C TRP D 286 -12.82 9.02 -2.10
N ARG D 287 -13.29 10.29 -2.09
CA ARG D 287 -14.43 10.70 -2.92
C ARG D 287 -14.14 10.47 -4.41
N TYR D 288 -12.86 10.67 -4.83
CA TYR D 288 -12.41 10.47 -6.20
C TYR D 288 -12.48 9.00 -6.61
N ASN D 289 -11.86 8.11 -5.83
CA ASN D 289 -11.90 6.68 -6.13
C ASN D 289 -13.32 6.13 -6.11
N HIS D 290 -14.16 6.64 -5.21
CA HIS D 290 -15.54 6.21 -5.14
C HIS D 290 -16.29 6.62 -6.39
N VAL D 291 -16.06 7.87 -6.86
CA VAL D 291 -16.70 8.40 -8.06
C VAL D 291 -16.29 7.62 -9.29
N CYS D 292 -14.99 7.31 -9.39
CA CYS D 292 -14.47 6.53 -10.52
C CYS D 292 -15.12 5.14 -10.55
N MET D 293 -15.32 4.53 -9.37
CA MET D 293 -15.95 3.22 -9.22
C MET D 293 -17.40 3.24 -9.66
N VAL D 294 -18.12 4.33 -9.41
CA VAL D 294 -19.51 4.44 -9.84
C VAL D 294 -19.57 4.56 -11.36
N HIS D 295 -18.70 5.39 -11.95
CA HIS D 295 -18.64 5.53 -13.41
C HIS D 295 -18.12 4.25 -14.11
N ARG D 296 -17.38 3.42 -13.39
CA ARG D 296 -16.84 2.17 -13.92
C ARG D 296 -17.94 1.11 -13.94
N MET D 297 -18.76 1.03 -12.87
CA MET D 297 -19.82 0.04 -12.79
C MET D 297 -21.15 0.47 -13.44
N LEU D 298 -21.42 1.78 -13.53
CA LEU D 298 -22.69 2.25 -14.08
C LEU D 298 -22.62 2.98 -15.41
N GLY D 299 -21.43 3.43 -15.79
CA GLY D 299 -21.25 4.17 -17.02
C GLY D 299 -21.60 5.63 -16.85
N TYR D 321 -14.19 21.29 -1.99
CA TYR D 321 -14.45 20.29 -0.94
C TYR D 321 -13.41 20.29 0.20
N LYS D 322 -12.42 21.21 0.15
CA LYS D 322 -11.42 21.31 1.20
C LYS D 322 -11.89 22.27 2.31
N VAL D 323 -12.15 21.72 3.50
CA VAL D 323 -12.57 22.44 4.70
C VAL D 323 -11.42 23.31 5.21
N PHE D 324 -10.20 22.76 5.20
CA PHE D 324 -9.01 23.45 5.66
C PHE D 324 -8.22 24.06 4.52
N VAL D 325 -8.92 24.72 3.57
CA VAL D 325 -8.35 25.42 2.40
C VAL D 325 -7.32 26.48 2.85
N ASP D 326 -7.61 27.16 3.95
CA ASP D 326 -6.76 28.20 4.52
C ASP D 326 -5.43 27.65 4.97
N LEU D 327 -5.40 26.43 5.54
CA LEU D 327 -4.13 25.84 5.95
C LEU D 327 -3.26 25.53 4.73
N PHE D 328 -3.87 25.13 3.60
CA PHE D 328 -3.11 24.90 2.37
C PHE D 328 -2.59 26.25 1.87
N ASN D 329 -3.49 27.25 1.85
CA ASN D 329 -3.23 28.62 1.40
C ASN D 329 -2.03 29.29 2.08
N LEU D 330 -1.95 29.19 3.42
CA LEU D 330 -0.87 29.78 4.19
C LEU D 330 0.48 29.15 3.90
N SER D 331 0.50 27.86 3.51
CA SER D 331 1.74 27.15 3.14
C SER D 331 2.35 27.71 1.83
N THR D 332 1.50 28.30 0.96
CA THR D 332 1.88 28.86 -0.33
C THR D 332 2.48 30.28 -0.29
N TYR D 333 2.42 30.98 0.88
CA TYR D 333 2.97 32.34 0.96
C TYR D 333 4.48 32.28 1.06
N LEU D 334 5.16 32.75 0.01
CA LEU D 334 6.61 32.67 -0.06
C LEU D 334 7.36 33.85 0.61
N ILE D 335 7.19 34.01 1.94
CA ILE D 335 7.87 35.06 2.70
C ILE D 335 9.31 34.62 3.02
N PRO D 336 10.35 35.45 2.75
CA PRO D 336 11.73 34.99 3.05
C PRO D 336 11.94 34.84 4.54
N ARG D 337 12.53 33.71 4.94
CA ARG D 337 12.77 33.36 6.35
C ARG D 337 13.49 34.43 7.15
N HIS D 338 14.34 35.23 6.49
CA HIS D 338 15.06 36.28 7.22
C HIS D 338 14.17 37.49 7.58
N TRP D 339 12.94 37.58 7.00
CA TRP D 339 11.99 38.64 7.32
C TRP D 339 11.05 38.26 8.46
N ILE D 340 11.03 36.98 8.87
CA ILE D 340 10.14 36.53 9.94
C ILE D 340 10.58 37.19 11.24
N PRO D 341 9.66 37.87 11.94
CA PRO D 341 10.03 38.56 13.19
C PRO D 341 10.77 37.69 14.20
N LYS D 342 11.91 38.18 14.70
CA LYS D 342 12.77 37.42 15.60
C LYS D 342 12.19 37.23 17.00
N MET D 343 12.54 36.12 17.66
CA MET D 343 12.06 35.77 18.99
C MET D 343 13.11 36.03 20.07
N ASN D 344 12.90 37.06 20.90
CA ASN D 344 13.79 37.44 22.01
C ASN D 344 13.33 36.74 23.35
N PRO D 345 13.80 37.09 24.60
CA PRO D 345 13.29 36.41 25.81
C PRO D 345 11.83 36.78 26.14
N THR D 346 10.94 36.02 25.47
CA THR D 346 9.49 36.00 25.47
C THR D 346 9.19 34.56 25.83
N ILE D 347 8.91 34.36 27.13
CA ILE D 347 8.71 33.05 27.74
C ILE D 347 7.54 32.24 27.23
N HIS D 348 6.65 32.79 26.38
CA HIS D 348 5.50 32.02 25.93
C HIS D 348 5.89 30.86 25.03
N LYS D 349 6.89 31.06 24.18
CA LYS D 349 7.32 30.05 23.22
C LYS D 349 7.88 28.76 23.84
N PHE D 350 8.26 28.77 25.12
CA PHE D 350 8.81 27.55 25.74
C PHE D 350 8.14 27.17 27.07
N LEU D 351 7.10 27.92 27.51
CA LEU D 351 6.40 27.59 28.74
C LEU D 351 4.98 27.13 28.38
N GLU D 352 4.57 25.93 28.83
CA GLU D 352 3.23 25.41 28.53
C GLU D 352 2.14 25.84 29.55
N HIS D 353 0.85 25.58 29.25
CA HIS D 353 -0.29 25.92 30.12
C HIS D 353 -1.12 24.65 30.50
N HIS D 354 -2.11 24.79 31.43
CA HIS D 354 -2.97 23.68 31.88
C HIS D 354 -4.32 24.16 32.45
#